data_4MAD
#
_entry.id   4MAD
#
_cell.length_a   143.268
_cell.length_b   93.122
_cell.length_c   119.567
_cell.angle_alpha   90.000
_cell.angle_beta   125.670
_cell.angle_gamma   90.000
#
_symmetry.space_group_name_H-M   'C 1 2 1'
#
loop_
_entity.id
_entity.type
_entity.pdbx_description
1 polymer Beta-galactosidase
2 non-polymer 2-(2-METHOXYETHOXY)ETHANOL
3 water water
#
_entity_poly.entity_id   1
_entity_poly.type   'polypeptide(L)'
_entity_poly.pdbx_seq_one_letter_code
;MGSSHHHHHHSQDPMSQLTYDDSFLLDGKEIRLLSGAMHYFRTVPEYWEDRLLKLKACGFNTVETYVAWNLHEPEEGQFV
FEGIADIVRFIKTAEKVGLHVIVRPGPFICAEWEFGGFPYWLLTVPNIKLRCFNQPYLEKVDAYFDVLFERLRPLLSSNG
GPIIALQIENEYGSFGNDQKYLQYLRDGIKKRVGNELLFTSDGPEPSMLSGGMIEGIFETVNFGSRAESAFAQLKQYQPN
APLMCMEFWHGWFDHWGEEHHTRSAESVVETLEEILKQNGSVNFYMAHGGTNFGFYNGANHNETDYQPTITSYDYDGLLT
ESGDVTEKFYAVRKVFEKYVDLPELNLPAPIPKRLFGKVKFTEHAGLLDSLHRISTPQKSEAPLPMEKYGQAYGFIVYET
TIKGAYGKQALTVQDIHDRGQVYVNGEYVGIVERNRGCSRLVVELTEEESKLQIIVENMGRINYGPFVVDYKGITEGVRL
GNQFLFDWTVYPLPLKDLSSLEFTADEVKENFPYFHKGILTVDKAADTFIDLSEWTKGVVFVNGHHLGRYWEIGPQQTLY
VPAPFLQEGENEIILLELHKHHQSVTFVDTPVLGAIPKTP
;
_entity_poly.pdbx_strand_id   A,B
#
# COMPACT_ATOMS: atom_id res chain seq x y z
N MET A 15 50.80 -14.38 4.45
CA MET A 15 49.65 -13.89 3.71
C MET A 15 49.45 -12.44 4.04
N SER A 16 49.09 -11.64 3.05
CA SER A 16 48.84 -10.24 3.33
C SER A 16 47.57 -10.01 4.13
N GLN A 17 47.59 -9.06 5.03
CA GLN A 17 46.39 -8.68 5.77
C GLN A 17 46.33 -7.18 5.97
N LEU A 18 45.21 -6.55 5.66
CA LEU A 18 45.01 -5.17 5.97
C LEU A 18 44.49 -5.00 7.37
N THR A 19 45.18 -4.21 8.16
CA THR A 19 44.76 -3.91 9.52
C THR A 19 44.96 -2.44 9.77
N TYR A 20 44.66 -2.01 10.97
CA TYR A 20 44.97 -0.66 11.33
C TYR A 20 45.11 -0.33 12.78
N ASP A 21 46.03 0.55 13.06
CA ASP A 21 46.01 1.08 14.38
C ASP A 21 45.81 2.55 14.69
N ASP A 22 46.63 3.35 14.02
CA ASP A 22 46.49 4.77 13.97
C ASP A 22 46.20 4.95 12.49
N SER A 23 46.77 4.05 11.73
CA SER A 23 46.77 4.15 10.30
C SER A 23 46.62 2.77 9.70
N PHE A 24 46.23 2.66 8.44
CA PHE A 24 46.10 1.36 7.81
C PHE A 24 47.48 0.74 7.72
N LEU A 25 47.52 -0.57 7.85
CA LEU A 25 48.71 -1.33 7.66
C LEU A 25 48.44 -2.51 6.78
N LEU A 26 49.34 -2.67 5.83
CA LEU A 26 49.42 -3.82 5.00
C LEU A 26 50.87 -4.32 4.77
N ASP A 27 51.10 -5.60 4.92
CA ASP A 27 52.38 -6.14 4.54
C ASP A 27 53.53 -5.41 5.23
N GLY A 28 53.36 -5.16 6.52
CA GLY A 28 54.40 -4.54 7.31
C GLY A 28 54.62 -3.05 7.12
N LYS A 29 53.66 -2.39 6.52
CA LYS A 29 53.89 -1.02 6.19
C LYS A 29 52.64 -0.20 6.26
N GLU A 30 52.79 1.07 6.55
CA GLU A 30 51.69 1.98 6.39
C GLU A 30 51.30 2.06 4.94
N ILE A 31 49.99 2.16 4.73
CA ILE A 31 49.45 2.35 3.41
C ILE A 31 48.33 3.40 3.46
N ARG A 32 48.20 4.16 2.41
CA ARG A 32 47.03 4.99 2.26
C ARG A 32 46.23 4.33 1.14
N LEU A 33 44.98 4.00 1.37
CA LEU A 33 44.19 3.40 0.31
C LEU A 33 43.68 4.48 -0.59
N LEU A 34 44.06 4.35 -1.85
CA LEU A 34 43.55 5.18 -2.87
C LEU A 34 42.80 4.24 -3.77
N SER A 35 41.47 4.26 -3.70
CA SER A 35 40.63 3.32 -4.38
C SER A 35 39.68 3.97 -5.36
N GLY A 36 39.38 3.22 -6.39
CA GLY A 36 38.48 3.66 -7.39
C GLY A 36 37.34 2.70 -7.53
N ALA A 37 36.13 3.22 -7.52
CA ALA A 37 34.96 2.38 -7.76
C ALA A 37 34.74 2.05 -9.24
N MET A 38 34.66 0.77 -9.51
CA MET A 38 34.25 0.27 -10.78
C MET A 38 33.39 -0.99 -10.58
N HIS A 39 32.26 -1.03 -11.21
CA HIS A 39 31.35 -2.15 -11.05
C HIS A 39 31.43 -3.13 -12.21
N TYR A 40 31.72 -4.38 -11.93
CA TYR A 40 31.91 -5.31 -13.02
C TYR A 40 30.67 -5.32 -13.91
N PHE A 41 29.52 -5.10 -13.30
CA PHE A 41 28.24 -5.34 -13.96
C PHE A 41 27.84 -4.20 -14.85
N ARG A 42 28.70 -3.21 -14.89
CA ARG A 42 28.44 -2.02 -15.67
C ARG A 42 29.35 -1.80 -16.90
N THR A 43 30.26 -2.73 -17.17
CA THR A 43 31.11 -2.68 -18.34
C THR A 43 31.20 -4.08 -18.96
N VAL A 44 31.19 -4.21 -20.26
CA VAL A 44 31.27 -5.56 -20.84
C VAL A 44 32.61 -6.19 -20.48
N PRO A 45 32.68 -7.50 -20.31
CA PRO A 45 33.88 -8.14 -19.81
C PRO A 45 35.12 -7.97 -20.68
N GLU A 46 34.92 -7.83 -21.97
CA GLU A 46 36.01 -7.68 -22.91
C GLU A 46 36.86 -6.46 -22.55
N TYR A 47 36.19 -5.49 -21.92
CA TYR A 47 36.77 -4.22 -21.56
C TYR A 47 37.25 -4.05 -20.09
N TRP A 48 37.06 -5.07 -19.28
CA TRP A 48 37.43 -4.92 -17.89
C TRP A 48 38.92 -4.61 -17.74
N GLU A 49 39.76 -5.28 -18.48
CA GLU A 49 41.18 -5.02 -18.35
C GLU A 49 41.52 -3.60 -18.75
N ASP A 50 40.90 -3.12 -19.78
CA ASP A 50 41.21 -1.79 -20.26
C ASP A 50 40.92 -0.79 -19.16
N ARG A 51 39.74 -0.88 -18.55
CA ARG A 51 39.40 0.08 -17.54
C ARG A 51 40.26 -0.02 -16.33
N LEU A 52 40.54 -1.24 -15.91
CA LEU A 52 41.38 -1.44 -14.74
C LEU A 52 42.80 -0.91 -14.96
N LEU A 53 43.33 -1.10 -16.15
CA LEU A 53 44.64 -0.60 -16.48
C LEU A 53 44.67 0.91 -16.36
N LYS A 54 43.58 1.52 -16.78
CA LYS A 54 43.44 2.97 -16.67
C LYS A 54 43.41 3.47 -15.20
N LEU A 55 42.71 2.78 -14.36
CA LEU A 55 42.68 3.16 -12.97
C LEU A 55 44.07 3.02 -12.35
N LYS A 56 44.75 1.93 -12.65
CA LYS A 56 46.03 1.73 -12.08
C LYS A 56 46.91 2.84 -12.53
N ALA A 57 46.81 3.22 -13.79
CA ALA A 57 47.60 4.29 -14.35
C ALA A 57 47.34 5.62 -13.65
N CYS A 58 46.13 5.84 -13.20
CA CYS A 58 45.82 7.09 -12.55
C CYS A 58 46.54 7.21 -11.23
N GLY A 59 46.99 6.09 -10.70
CA GLY A 59 47.54 6.02 -9.40
C GLY A 59 46.79 5.41 -8.25
N PHE A 60 45.62 4.85 -8.52
CA PHE A 60 44.95 4.07 -7.57
C PHE A 60 45.74 2.83 -7.23
N ASN A 61 45.67 2.41 -5.99
CA ASN A 61 46.24 1.15 -5.59
C ASN A 61 45.19 0.07 -5.35
N THR A 62 43.91 0.44 -5.43
CA THR A 62 42.82 -0.42 -5.10
C THR A 62 41.64 -0.14 -6.04
N VAL A 63 40.84 -1.16 -6.33
CA VAL A 63 39.58 -1.02 -7.01
C VAL A 63 38.50 -1.60 -6.09
N GLU A 64 37.33 -0.98 -6.10
CA GLU A 64 36.26 -1.35 -5.25
C GLU A 64 35.04 -1.62 -6.09
N THR A 65 34.36 -2.71 -5.82
CA THR A 65 33.12 -2.99 -6.49
C THR A 65 32.06 -3.49 -5.54
N TYR A 66 30.82 -3.13 -5.81
CA TYR A 66 29.69 -3.78 -5.23
C TYR A 66 29.50 -5.15 -5.87
N VAL A 67 28.68 -5.99 -5.24
CA VAL A 67 28.19 -7.24 -5.82
C VAL A 67 26.69 -7.18 -5.99
N ALA A 68 26.17 -7.47 -7.18
CA ALA A 68 24.78 -7.28 -7.48
C ALA A 68 24.03 -8.62 -7.33
N TRP A 69 23.32 -8.78 -6.24
CA TRP A 69 22.64 -10.02 -5.97
C TRP A 69 21.65 -10.36 -7.07
N ASN A 70 20.88 -9.39 -7.53
CA ASN A 70 19.90 -9.63 -8.58
C ASN A 70 20.56 -10.20 -9.85
N LEU A 71 21.79 -9.79 -10.13
CA LEU A 71 22.49 -10.35 -11.25
C LEU A 71 22.82 -11.82 -11.04
N HIS A 72 23.33 -12.13 -9.88
CA HIS A 72 23.69 -13.48 -9.47
C HIS A 72 22.60 -14.51 -9.17
N GLU A 73 21.46 -14.06 -8.72
CA GLU A 73 20.32 -14.91 -8.40
C GLU A 73 19.04 -14.33 -8.98
N PRO A 74 18.98 -14.29 -10.30
CA PRO A 74 17.86 -13.69 -11.02
C PRO A 74 16.54 -14.37 -10.73
N GLU A 75 16.61 -15.66 -10.50
CA GLU A 75 15.51 -16.39 -9.98
C GLU A 75 15.98 -17.20 -8.79
N GLU A 76 15.04 -17.42 -7.89
CA GLU A 76 15.60 -18.03 -6.74
C GLU A 76 16.19 -19.40 -6.99
N GLY A 77 17.31 -19.68 -6.53
CA GLY A 77 17.99 -20.92 -6.68
C GLY A 77 18.71 -21.08 -7.98
N GLN A 78 18.61 -20.09 -8.84
CA GLN A 78 19.34 -20.11 -10.10
C GLN A 78 20.47 -19.14 -10.05
N PHE A 79 21.68 -19.64 -9.98
CA PHE A 79 22.83 -18.82 -9.74
C PHE A 79 23.61 -18.55 -11.00
N VAL A 80 24.00 -17.32 -11.23
CA VAL A 80 24.63 -16.91 -12.46
C VAL A 80 25.96 -16.19 -12.22
N PHE A 81 27.05 -16.78 -12.69
CA PHE A 81 28.35 -16.17 -12.61
C PHE A 81 29.14 -16.13 -13.95
N GLU A 82 28.42 -15.98 -15.04
CA GLU A 82 28.92 -16.05 -16.38
C GLU A 82 28.86 -14.71 -17.06
N GLY A 83 29.72 -14.51 -18.02
CA GLY A 83 29.72 -13.29 -18.77
C GLY A 83 29.95 -12.04 -17.97
N ILE A 84 29.07 -11.07 -18.11
CA ILE A 84 29.20 -9.82 -17.42
C ILE A 84 29.09 -10.03 -15.91
N ALA A 85 28.55 -11.16 -15.53
CA ALA A 85 28.40 -11.51 -14.13
C ALA A 85 29.57 -12.31 -13.53
N ASP A 86 30.67 -12.51 -14.27
CA ASP A 86 31.74 -13.33 -13.78
C ASP A 86 32.59 -12.46 -12.88
N ILE A 87 32.19 -12.31 -11.64
CA ILE A 87 32.91 -11.53 -10.69
C ILE A 87 34.26 -12.11 -10.41
N VAL A 88 34.37 -13.42 -10.45
CA VAL A 88 35.68 -13.98 -10.28
C VAL A 88 36.70 -13.49 -11.35
N ARG A 89 36.32 -13.47 -12.60
CA ARG A 89 37.17 -13.02 -13.66
C ARG A 89 37.52 -11.55 -13.44
N PHE A 90 36.54 -10.77 -13.02
CA PHE A 90 36.81 -9.36 -12.88
C PHE A 90 37.85 -9.15 -11.82
N ILE A 91 37.66 -9.80 -10.69
CA ILE A 91 38.61 -9.68 -9.61
C ILE A 91 40.04 -10.21 -9.94
N LYS A 92 40.11 -11.32 -10.62
CA LYS A 92 41.40 -11.80 -11.11
C LYS A 92 42.02 -10.82 -12.07
N THR A 93 41.22 -10.09 -12.81
CA THR A 93 41.75 -9.09 -13.69
C THR A 93 42.42 -7.94 -12.92
N ALA A 94 41.80 -7.55 -11.83
CA ALA A 94 42.33 -6.50 -10.96
C ALA A 94 43.66 -6.98 -10.40
N GLU A 95 43.67 -8.20 -9.95
CA GLU A 95 44.90 -8.75 -9.46
C GLU A 95 46.00 -8.76 -10.52
N LYS A 96 45.69 -9.11 -11.74
CA LYS A 96 46.69 -9.15 -12.81
C LYS A 96 47.30 -7.78 -13.10
N VAL A 97 46.44 -6.79 -13.00
CA VAL A 97 46.79 -5.44 -13.30
C VAL A 97 47.49 -4.84 -12.11
N GLY A 98 47.46 -5.53 -10.98
CA GLY A 98 48.12 -5.04 -9.81
C GLY A 98 47.36 -4.15 -8.86
N LEU A 99 46.07 -4.36 -8.70
CA LEU A 99 45.28 -3.59 -7.76
C LEU A 99 44.83 -4.45 -6.59
N HIS A 100 44.84 -3.88 -5.41
CA HIS A 100 44.10 -4.48 -4.33
C HIS A 100 42.63 -4.37 -4.64
N VAL A 101 41.86 -5.21 -4.01
CA VAL A 101 40.40 -5.19 -4.20
C VAL A 101 39.56 -5.06 -2.90
N ILE A 102 38.58 -4.19 -2.91
CA ILE A 102 37.60 -4.09 -1.86
C ILE A 102 36.29 -4.55 -2.47
N VAL A 103 35.58 -5.42 -1.77
CA VAL A 103 34.32 -5.95 -2.24
C VAL A 103 33.25 -5.46 -1.27
N ARG A 104 32.15 -5.10 -1.80
CA ARG A 104 31.13 -4.51 -1.02
C ARG A 104 29.85 -5.33 -1.26
N PRO A 105 29.64 -6.48 -0.62
CA PRO A 105 28.66 -7.50 -0.98
C PRO A 105 27.20 -7.21 -0.57
N GLY A 106 26.95 -6.07 0.01
CA GLY A 106 25.61 -5.70 0.37
C GLY A 106 25.09 -6.50 1.56
N PRO A 107 23.96 -7.18 1.45
CA PRO A 107 23.29 -7.57 0.23
C PRO A 107 22.49 -6.54 -0.55
N PHE A 108 22.21 -5.42 0.07
CA PHE A 108 21.65 -4.26 -0.59
C PHE A 108 22.79 -3.29 -0.85
N ILE A 109 22.98 -2.91 -2.11
CA ILE A 109 24.09 -2.11 -2.56
C ILE A 109 23.70 -0.69 -2.99
N CYS A 110 22.40 -0.47 -3.10
CA CYS A 110 21.91 0.85 -3.45
C CYS A 110 22.51 1.05 -4.83
N ALA A 111 23.34 2.09 -4.98
CA ALA A 111 24.16 2.27 -6.18
C ALA A 111 23.46 2.81 -7.44
N GLU A 112 22.15 3.04 -7.38
CA GLU A 112 21.43 3.54 -8.52
C GLU A 112 21.16 2.39 -9.49
N TRP A 113 20.92 1.22 -8.94
CA TRP A 113 20.75 -0.03 -9.64
C TRP A 113 19.42 -0.68 -9.26
N GLU A 114 18.82 -1.44 -10.15
CA GLU A 114 17.46 -1.89 -9.95
C GLU A 114 17.31 -2.51 -8.56
N PHE A 115 16.39 -1.96 -7.80
CA PHE A 115 15.94 -2.52 -6.52
C PHE A 115 17.10 -2.57 -5.53
N GLY A 116 18.06 -1.71 -5.80
CA GLY A 116 19.23 -1.65 -4.99
C GLY A 116 19.97 -3.00 -4.94
N GLY A 117 19.89 -3.78 -6.00
CA GLY A 117 20.56 -5.06 -6.09
C GLY A 117 19.74 -6.23 -5.57
N PHE A 118 18.63 -5.93 -4.97
CA PHE A 118 17.74 -7.01 -4.49
C PHE A 118 17.08 -7.68 -5.70
N PRO A 119 16.97 -8.98 -5.71
CA PRO A 119 16.22 -9.68 -6.74
C PRO A 119 14.75 -9.40 -6.65
N TYR A 120 14.04 -9.40 -7.76
CA TYR A 120 12.66 -8.99 -7.84
C TYR A 120 11.85 -9.93 -6.96
N TRP A 121 12.29 -11.16 -6.88
CA TRP A 121 11.57 -12.21 -6.20
C TRP A 121 11.49 -12.12 -4.69
N LEU A 122 12.29 -11.24 -4.10
CA LEU A 122 12.11 -10.97 -2.71
C LEU A 122 10.71 -10.44 -2.48
N LEU A 123 10.19 -9.70 -3.41
CA LEU A 123 8.92 -9.02 -3.20
C LEU A 123 7.74 -10.00 -2.93
N THR A 124 7.88 -11.24 -3.31
CA THR A 124 6.79 -12.17 -3.17
C THR A 124 7.01 -13.20 -2.04
N VAL A 125 8.04 -12.95 -1.23
CA VAL A 125 8.29 -13.82 -0.11
C VAL A 125 7.31 -13.45 1.00
N PRO A 126 6.51 -14.41 1.45
CA PRO A 126 5.52 -14.10 2.47
C PRO A 126 6.22 -13.60 3.71
N ASN A 127 5.67 -12.54 4.25
CA ASN A 127 6.00 -12.03 5.53
C ASN A 127 7.34 -11.33 5.58
N ILE A 128 7.95 -11.10 4.43
CA ILE A 128 9.27 -10.52 4.38
C ILE A 128 9.27 -9.07 4.77
N LYS A 129 10.32 -8.68 5.47
CA LYS A 129 10.63 -7.31 5.73
C LYS A 129 12.09 -7.11 5.40
N LEU A 130 12.40 -6.07 4.66
CA LEU A 130 13.75 -5.85 4.17
C LEU A 130 14.70 -5.13 5.12
N ARG A 131 15.94 -5.57 5.15
CA ARG A 131 16.99 -4.87 5.88
C ARG A 131 16.70 -4.67 7.35
N CYS A 132 16.18 -5.71 7.96
CA CYS A 132 15.96 -5.79 9.37
C CYS A 132 16.01 -7.24 9.82
N PHE A 133 15.86 -7.46 11.10
CA PHE A 133 16.04 -8.78 11.63
C PHE A 133 14.78 -9.62 11.39
N ASN A 134 14.64 -10.05 10.16
CA ASN A 134 13.45 -10.77 9.67
C ASN A 134 13.78 -12.15 9.16
N GLN A 135 13.12 -13.19 9.64
CA GLN A 135 13.55 -14.54 9.28
C GLN A 135 13.48 -14.88 7.81
N PRO A 136 12.39 -14.55 7.13
CA PRO A 136 12.34 -14.87 5.73
C PRO A 136 13.43 -14.12 4.96
N TYR A 137 13.62 -12.88 5.30
CA TYR A 137 14.64 -12.13 4.59
C TYR A 137 16.04 -12.73 4.85
N LEU A 138 16.39 -12.97 6.07
CA LEU A 138 17.72 -13.54 6.37
C LEU A 138 17.99 -14.91 5.74
N GLU A 139 16.95 -15.70 5.63
CA GLU A 139 17.09 -16.99 5.04
C GLU A 139 17.54 -16.86 3.59
N LYS A 140 16.97 -15.90 2.88
CA LYS A 140 17.35 -15.65 1.52
C LYS A 140 18.80 -15.15 1.41
N VAL A 141 19.16 -14.23 2.26
CA VAL A 141 20.49 -13.67 2.27
C VAL A 141 21.54 -14.79 2.53
N ASP A 142 21.20 -15.67 3.45
CA ASP A 142 22.09 -16.69 3.86
C ASP A 142 22.38 -17.65 2.73
N ALA A 143 21.34 -17.99 2.02
CA ALA A 143 21.49 -18.93 0.94
C ALA A 143 22.31 -18.34 -0.16
N TYR A 144 22.05 -17.09 -0.46
CA TYR A 144 22.81 -16.39 -1.47
C TYR A 144 24.25 -16.22 -1.09
N PHE A 145 24.47 -15.79 0.12
CA PHE A 145 25.79 -15.58 0.63
C PHE A 145 26.59 -16.88 0.64
N ASP A 146 25.92 -17.98 0.92
CA ASP A 146 26.66 -19.23 0.90
C ASP A 146 27.25 -19.45 -0.46
N VAL A 147 26.51 -19.22 -1.51
CA VAL A 147 27.07 -19.38 -2.83
C VAL A 147 28.09 -18.35 -3.19
N LEU A 148 27.74 -17.12 -2.92
CA LEU A 148 28.64 -16.08 -3.33
C LEU A 148 30.01 -16.19 -2.68
N PHE A 149 30.08 -16.42 -1.39
CA PHE A 149 31.34 -16.48 -0.69
C PHE A 149 32.26 -17.68 -1.09
N GLU A 150 31.59 -18.72 -1.51
CA GLU A 150 32.25 -19.88 -2.01
C GLU A 150 33.04 -19.52 -3.24
N ARG A 151 32.48 -18.68 -4.09
CA ARG A 151 33.17 -18.18 -5.24
C ARG A 151 34.30 -17.21 -4.90
N LEU A 152 34.04 -16.31 -3.98
CA LEU A 152 34.99 -15.35 -3.52
C LEU A 152 36.15 -15.92 -2.68
N ARG A 153 35.95 -17.06 -2.06
CA ARG A 153 36.85 -17.49 -1.03
C ARG A 153 38.32 -17.62 -1.51
N PRO A 154 38.54 -18.16 -2.68
CA PRO A 154 39.88 -18.32 -3.22
C PRO A 154 40.53 -16.97 -3.42
N LEU A 155 39.73 -15.92 -3.48
CA LEU A 155 40.21 -14.58 -3.81
C LEU A 155 40.55 -13.68 -2.64
N LEU A 156 40.26 -14.17 -1.46
CA LEU A 156 40.58 -13.50 -0.24
C LEU A 156 42.08 -13.37 -0.01
N SER A 157 42.51 -12.28 0.56
CA SER A 157 43.90 -12.09 0.81
C SER A 157 44.43 -13.18 1.72
N SER A 158 43.58 -13.67 2.61
CA SER A 158 43.93 -14.73 3.54
C SER A 158 44.19 -16.05 2.83
N ASN A 159 43.84 -16.10 1.57
CA ASN A 159 44.08 -17.20 0.73
C ASN A 159 45.01 -16.85 -0.43
N GLY A 160 45.66 -15.73 -0.34
CA GLY A 160 46.57 -15.28 -1.36
C GLY A 160 46.02 -14.43 -2.49
N GLY A 161 44.75 -14.10 -2.42
CA GLY A 161 44.04 -13.32 -3.42
C GLY A 161 44.09 -11.84 -3.09
N PRO A 162 43.50 -11.01 -3.94
CA PRO A 162 43.60 -9.57 -3.82
C PRO A 162 42.59 -8.87 -2.95
N ILE A 163 41.65 -9.60 -2.44
CA ILE A 163 40.60 -8.98 -1.67
C ILE A 163 41.00 -8.76 -0.23
N ILE A 164 41.29 -7.53 0.09
CA ILE A 164 41.71 -7.12 1.41
C ILE A 164 40.65 -6.60 2.42
N ALA A 165 39.52 -6.17 1.92
CA ALA A 165 38.45 -5.71 2.77
C ALA A 165 37.07 -5.90 2.20
N LEU A 166 36.12 -5.98 3.08
CA LEU A 166 34.76 -6.07 2.68
C LEU A 166 33.81 -5.21 3.52
N GLN A 167 32.80 -4.66 2.87
CA GLN A 167 31.81 -3.84 3.56
C GLN A 167 30.64 -4.68 4.02
N ILE A 168 30.12 -4.38 5.19
CA ILE A 168 29.03 -5.11 5.72
C ILE A 168 27.70 -4.61 5.26
N GLU A 169 27.23 -3.45 5.53
CA GLU A 169 25.93 -3.37 4.78
C GLU A 169 26.32 -2.27 3.80
N ASN A 170 25.33 -1.57 3.37
CA ASN A 170 25.55 -0.23 2.89
C ASN A 170 24.79 0.98 3.36
N GLU A 171 25.50 1.92 3.94
CA GLU A 171 24.87 3.11 4.42
C GLU A 171 23.60 2.76 5.23
N TYR A 172 23.72 1.80 6.13
CA TYR A 172 22.55 1.28 6.82
C TYR A 172 21.83 2.35 7.61
N GLY A 173 22.58 3.30 8.16
CA GLY A 173 22.07 4.32 8.99
C GLY A 173 21.11 5.25 8.31
N SER A 174 21.13 5.20 7.00
CA SER A 174 20.22 5.97 6.20
C SER A 174 18.87 5.29 6.02
N PHE A 175 18.77 4.02 6.37
CA PHE A 175 17.56 3.24 6.20
C PHE A 175 16.94 2.67 7.50
N GLY A 176 17.80 2.35 8.45
CA GLY A 176 17.38 1.62 9.62
C GLY A 176 18.26 1.75 10.84
N ASN A 177 17.81 1.15 11.92
CA ASN A 177 18.60 1.03 13.13
C ASN A 177 18.63 -0.35 13.79
N ASP A 178 18.43 -1.41 13.02
CA ASP A 178 18.36 -2.73 13.57
C ASP A 178 19.70 -3.36 13.79
N GLN A 179 20.15 -3.26 15.03
CA GLN A 179 21.43 -3.76 15.45
C GLN A 179 21.53 -5.26 15.43
N LYS A 180 20.45 -5.93 15.73
CA LYS A 180 20.47 -7.35 15.66
C LYS A 180 20.74 -7.78 14.23
N TYR A 181 20.12 -7.11 13.29
CA TYR A 181 20.36 -7.41 11.89
C TYR A 181 21.82 -7.17 11.49
N LEU A 182 22.36 -6.03 11.88
CA LEU A 182 23.73 -5.72 11.53
C LEU A 182 24.72 -6.74 12.14
N GLN A 183 24.47 -7.10 13.38
CA GLN A 183 25.28 -8.07 14.05
C GLN A 183 25.19 -9.42 13.42
N TYR A 184 24.01 -9.79 13.00
CA TYR A 184 23.88 -11.04 12.34
C TYR A 184 24.63 -11.04 11.01
N LEU A 185 24.51 -9.95 10.30
CA LEU A 185 25.22 -9.78 9.04
C LEU A 185 26.74 -9.81 9.20
N ARG A 186 27.23 -9.13 10.22
CA ARG A 186 28.65 -9.09 10.47
C ARG A 186 29.19 -10.47 10.74
N ASP A 187 28.48 -11.17 11.59
CA ASP A 187 28.83 -12.51 11.96
C ASP A 187 28.75 -13.47 10.79
N GLY A 188 27.71 -13.30 9.99
CA GLY A 188 27.54 -14.09 8.83
C GLY A 188 28.63 -13.92 7.79
N ILE A 189 29.04 -12.70 7.52
CA ILE A 189 30.17 -12.46 6.64
C ILE A 189 31.47 -12.98 7.24
N LYS A 190 31.61 -12.77 8.53
CA LYS A 190 32.86 -13.13 9.16
C LYS A 190 33.14 -14.59 9.00
N LYS A 191 32.13 -15.39 9.22
CA LYS A 191 32.25 -16.83 9.15
C LYS A 191 32.54 -17.39 7.81
N ARG A 192 32.16 -16.66 6.79
CA ARG A 192 32.40 -17.03 5.41
C ARG A 192 33.70 -16.48 4.81
N VAL A 193 34.39 -15.64 5.53
CA VAL A 193 35.68 -15.15 5.10
C VAL A 193 36.86 -15.57 5.98
N GLY A 194 37.95 -14.82 5.90
CA GLY A 194 39.12 -15.04 6.73
C GLY A 194 39.28 -13.88 7.69
N ASN A 195 40.49 -13.39 7.78
CA ASN A 195 40.79 -12.25 8.62
C ASN A 195 40.79 -10.92 7.91
N GLU A 196 40.10 -10.81 6.81
CA GLU A 196 40.03 -9.58 6.06
C GLU A 196 39.34 -8.51 6.87
N LEU A 197 39.68 -7.27 6.62
CA LEU A 197 39.09 -6.18 7.35
C LEU A 197 37.62 -5.99 6.93
N LEU A 198 36.72 -5.95 7.91
CA LEU A 198 35.30 -5.71 7.69
C LEU A 198 34.96 -4.30 8.09
N PHE A 199 34.11 -3.63 7.35
CA PHE A 199 33.86 -2.25 7.68
C PHE A 199 32.47 -1.88 7.22
N THR A 200 31.98 -0.74 7.66
CA THR A 200 30.74 -0.15 7.24
C THR A 200 30.98 1.23 6.65
N SER A 201 29.98 1.75 5.98
CA SER A 201 30.01 3.13 5.55
C SER A 201 28.68 3.78 5.83
N ASP A 202 28.72 5.05 6.14
CA ASP A 202 27.53 5.83 6.34
C ASP A 202 27.79 7.30 6.03
N GLY A 203 26.72 8.08 5.90
CA GLY A 203 26.83 9.51 5.84
C GLY A 203 27.24 10.06 7.21
N PRO A 204 27.92 11.18 7.21
CA PRO A 204 28.53 11.72 8.41
C PRO A 204 27.56 12.53 9.25
N GLU A 205 26.52 11.90 9.75
CA GLU A 205 25.47 12.59 10.47
C GLU A 205 25.17 11.72 11.64
N PRO A 206 24.78 12.31 12.74
CA PRO A 206 24.59 11.51 13.94
C PRO A 206 23.56 10.40 13.75
N SER A 207 22.47 10.68 13.10
CA SER A 207 21.46 9.65 12.93
C SER A 207 22.06 8.49 12.15
N MET A 208 22.79 8.80 11.09
CA MET A 208 23.34 7.76 10.27
C MET A 208 24.43 6.91 10.94
N LEU A 209 25.32 7.58 11.63
CA LEU A 209 26.33 6.90 12.37
C LEU A 209 25.75 6.07 13.54
N SER A 210 24.77 6.61 14.23
CA SER A 210 24.17 5.82 15.28
C SER A 210 23.49 4.57 14.73
N GLY A 211 22.74 4.74 13.67
CA GLY A 211 22.05 3.63 13.06
C GLY A 211 22.88 2.57 12.39
N GLY A 212 23.90 3.04 11.69
CA GLY A 212 24.70 2.17 10.87
C GLY A 212 25.99 1.52 11.36
N MET A 213 26.57 2.02 12.44
CA MET A 213 27.79 1.43 12.98
C MET A 213 27.46 0.12 13.69
N ILE A 214 28.38 -0.81 13.60
CA ILE A 214 28.32 -2.07 14.28
C ILE A 214 29.43 -2.23 15.35
N GLU A 215 29.07 -2.75 16.49
CA GLU A 215 30.03 -2.90 17.52
C GLU A 215 31.11 -3.79 16.99
N GLY A 216 32.32 -3.34 17.21
CA GLY A 216 33.55 -4.00 16.84
C GLY A 216 34.01 -3.77 15.43
N ILE A 217 33.32 -2.92 14.68
CA ILE A 217 33.57 -2.77 13.27
C ILE A 217 33.98 -1.34 12.83
N PHE A 218 35.05 -1.23 12.06
CA PHE A 218 35.57 0.02 11.55
C PHE A 218 34.48 0.73 10.72
N GLU A 219 34.34 2.02 10.91
CA GLU A 219 33.41 2.83 10.14
C GLU A 219 34.13 3.81 9.19
N THR A 220 33.53 4.03 8.04
CA THR A 220 34.01 4.98 7.06
C THR A 220 32.85 5.91 6.75
N VAL A 221 32.99 7.06 6.18
CA VAL A 221 31.94 7.91 5.70
C VAL A 221 32.01 8.22 4.20
N ASN A 222 30.82 8.64 3.75
CA ASN A 222 30.61 8.95 2.38
C ASN A 222 30.19 10.38 2.20
N PHE A 223 30.75 11.07 1.23
CA PHE A 223 30.43 12.42 1.03
C PHE A 223 30.93 13.02 -0.28
N GLY A 224 30.35 14.16 -0.63
CA GLY A 224 30.76 14.86 -1.80
C GLY A 224 31.60 16.12 -1.57
N SER A 225 31.48 16.68 -0.39
CA SER A 225 32.22 17.86 -0.04
C SER A 225 32.41 18.01 1.48
N ARG A 226 33.19 19.00 1.91
CA ARG A 226 33.39 19.26 3.34
C ARG A 226 33.94 18.13 4.19
N ALA A 227 35.10 17.66 3.78
CA ALA A 227 35.79 16.56 4.39
C ALA A 227 36.20 16.83 5.84
N GLU A 228 36.59 18.05 6.11
CA GLU A 228 36.95 18.36 7.45
C GLU A 228 35.76 18.17 8.40
N SER A 229 34.63 18.68 8.00
CA SER A 229 33.44 18.50 8.77
C SER A 229 33.04 17.04 8.88
N ALA A 230 33.13 16.35 7.78
CA ALA A 230 32.73 14.97 7.73
C ALA A 230 33.59 14.09 8.61
N PHE A 231 34.89 14.26 8.51
CA PHE A 231 35.80 13.52 9.38
C PHE A 231 35.64 13.87 10.87
N ALA A 232 35.33 15.13 11.13
CA ALA A 232 35.09 15.55 12.49
C ALA A 232 33.91 14.85 13.10
N GLN A 233 32.83 14.72 12.35
CA GLN A 233 31.67 13.99 12.81
C GLN A 233 31.98 12.56 13.07
N LEU A 234 32.72 11.95 12.17
CA LEU A 234 33.16 10.59 12.32
C LEU A 234 34.00 10.44 13.58
N LYS A 235 34.90 11.37 13.83
CA LYS A 235 35.73 11.30 15.00
C LYS A 235 35.01 11.36 16.36
N GLN A 236 33.81 11.90 16.38
CA GLN A 236 32.98 11.82 17.55
C GLN A 236 32.57 10.43 17.93
N TYR A 237 32.40 9.59 16.95
CA TYR A 237 32.06 8.22 17.19
C TYR A 237 33.25 7.24 17.16
N GLN A 238 34.32 7.63 16.52
CA GLN A 238 35.44 6.75 16.24
C GLN A 238 36.70 7.58 16.22
N PRO A 239 37.15 7.96 17.38
CA PRO A 239 38.20 8.96 17.53
C PRO A 239 39.57 8.60 17.00
N ASN A 240 40.00 7.38 17.11
CA ASN A 240 41.40 7.07 16.83
C ASN A 240 41.78 6.40 15.51
N ALA A 241 40.83 5.69 14.93
CA ALA A 241 41.01 4.90 13.76
C ALA A 241 41.25 5.76 12.52
N PRO A 242 41.82 5.17 11.49
CA PRO A 242 42.20 5.92 10.31
C PRO A 242 40.98 6.46 9.65
N LEU A 243 41.11 7.56 8.94
CA LEU A 243 39.98 8.19 8.30
C LEU A 243 39.83 7.76 6.85
N MET A 244 38.69 7.22 6.45
CA MET A 244 38.46 6.89 5.07
C MET A 244 37.12 7.38 4.49
N CYS A 245 37.15 8.00 3.34
CA CYS A 245 35.95 8.33 2.61
C CYS A 245 35.66 7.18 1.67
N MET A 246 34.76 6.32 2.02
CA MET A 246 34.44 5.17 1.21
C MET A 246 33.71 5.40 -0.13
N GLU A 247 32.98 6.50 -0.21
CA GLU A 247 32.46 7.02 -1.45
C GLU A 247 32.69 8.54 -1.49
N PHE A 248 33.62 8.98 -2.29
CA PHE A 248 33.82 10.39 -2.57
C PHE A 248 33.07 10.62 -3.88
N TRP A 249 31.92 11.27 -3.77
CA TRP A 249 31.04 11.48 -4.88
C TRP A 249 31.59 12.67 -5.67
N HIS A 250 32.55 12.39 -6.53
CA HIS A 250 33.22 13.46 -7.26
C HIS A 250 32.47 13.84 -8.51
N GLY A 251 31.43 13.10 -8.77
CA GLY A 251 30.54 13.28 -9.87
C GLY A 251 29.13 13.06 -9.34
N TRP A 252 28.18 12.76 -10.21
CA TRP A 252 26.82 12.46 -9.83
C TRP A 252 26.09 11.78 -11.00
N PHE A 253 24.89 11.34 -10.73
CA PHE A 253 24.10 10.61 -11.71
C PHE A 253 22.84 11.37 -12.10
N ASP A 254 22.22 10.92 -13.17
CA ASP A 254 21.10 11.62 -13.77
C ASP A 254 19.81 10.79 -13.72
N HIS A 255 18.70 11.49 -13.52
CA HIS A 255 17.37 10.98 -13.76
C HIS A 255 16.80 11.52 -15.09
N TRP A 256 15.89 10.79 -15.71
CA TRP A 256 15.31 11.29 -16.93
C TRP A 256 14.64 12.65 -16.65
N GLY A 257 14.86 13.59 -17.53
CA GLY A 257 14.32 14.91 -17.40
C GLY A 257 15.18 15.96 -16.72
N GLU A 258 16.26 15.51 -16.10
CA GLU A 258 17.25 16.38 -15.47
C GLU A 258 18.27 16.93 -16.42
N GLU A 259 18.95 18.00 -16.03
CA GLU A 259 20.16 18.47 -16.65
C GLU A 259 21.28 17.49 -16.26
N HIS A 260 22.20 17.26 -17.16
CA HIS A 260 23.28 16.33 -16.92
C HIS A 260 24.17 16.91 -15.82
N HIS A 261 24.50 16.09 -14.84
CA HIS A 261 25.34 16.50 -13.76
C HIS A 261 26.79 16.35 -14.11
N THR A 262 27.52 17.43 -13.94
CA THR A 262 28.96 17.42 -13.96
C THR A 262 29.60 18.27 -12.86
N ARG A 263 30.83 17.94 -12.52
CA ARG A 263 31.57 18.70 -11.54
C ARG A 263 32.99 18.88 -12.04
N SER A 264 33.54 20.09 -11.94
CA SER A 264 34.84 20.40 -12.51
C SER A 264 36.01 19.75 -11.83
N ALA A 265 37.09 19.59 -12.54
CA ALA A 265 38.30 19.05 -12.00
C ALA A 265 38.76 19.91 -10.84
N GLU A 266 38.61 21.22 -10.99
CA GLU A 266 39.05 22.14 -9.96
C GLU A 266 38.31 21.87 -8.69
N SER A 267 37.03 21.68 -8.82
CA SER A 267 36.21 21.36 -7.66
C SER A 267 36.59 20.03 -7.02
N VAL A 268 36.75 19.02 -7.83
CA VAL A 268 37.12 17.74 -7.31
C VAL A 268 38.45 17.80 -6.59
N VAL A 269 39.40 18.50 -7.16
CA VAL A 269 40.73 18.60 -6.55
C VAL A 269 40.63 19.25 -5.18
N GLU A 270 39.79 20.25 -5.04
CA GLU A 270 39.80 20.95 -3.80
C GLU A 270 39.39 20.04 -2.67
N THR A 271 38.36 19.27 -2.90
CA THR A 271 37.91 18.32 -1.91
C THR A 271 38.85 17.15 -1.68
N LEU A 272 39.49 16.68 -2.72
CA LEU A 272 40.41 15.59 -2.62
C LEU A 272 41.58 16.00 -1.73
N GLU A 273 42.10 17.19 -1.94
CA GLU A 273 43.20 17.71 -1.13
C GLU A 273 42.77 17.80 0.32
N GLU A 274 41.53 18.18 0.54
CA GLU A 274 41.02 18.31 1.88
C GLU A 274 41.10 16.94 2.53
N ILE A 275 40.75 15.92 1.77
CA ILE A 275 40.77 14.60 2.30
C ILE A 275 42.19 14.15 2.60
N LEU A 276 43.05 14.32 1.63
CA LEU A 276 44.38 13.76 1.69
C LEU A 276 45.24 14.40 2.80
N LYS A 277 45.06 15.69 2.99
CA LYS A 277 45.83 16.50 3.93
C LYS A 277 45.53 16.03 5.37
N GLN A 278 44.41 15.39 5.55
CA GLN A 278 43.99 14.87 6.86
C GLN A 278 44.44 13.44 7.02
N ASN A 279 45.31 13.02 6.14
CA ASN A 279 45.78 11.67 6.10
C ASN A 279 44.62 10.71 5.82
N GLY A 280 43.66 11.19 5.07
CA GLY A 280 42.56 10.38 4.60
C GLY A 280 42.86 9.45 3.44
N SER A 281 42.22 8.28 3.49
CA SER A 281 42.12 7.39 2.38
C SER A 281 40.82 7.67 1.66
N VAL A 282 40.77 7.27 0.42
CA VAL A 282 39.63 7.63 -0.39
C VAL A 282 39.25 6.59 -1.41
N ASN A 283 37.97 6.43 -1.63
CA ASN A 283 37.44 5.65 -2.73
C ASN A 283 36.61 6.54 -3.65
N PHE A 284 37.06 6.74 -4.86
CA PHE A 284 36.38 7.59 -5.77
C PHE A 284 35.09 6.88 -6.27
N TYR A 285 33.95 7.54 -6.12
CA TYR A 285 32.70 7.06 -6.65
C TYR A 285 32.12 8.04 -7.69
N MET A 286 32.09 7.68 -8.97
CA MET A 286 32.64 6.47 -9.55
C MET A 286 33.95 6.78 -10.28
N ALA A 287 34.94 5.90 -10.20
CA ALA A 287 36.11 6.11 -11.00
C ALA A 287 35.86 5.85 -12.46
N HIS A 288 35.33 4.68 -12.73
CA HIS A 288 34.67 4.34 -13.95
C HIS A 288 33.22 3.89 -13.68
N GLY A 289 32.27 4.62 -14.26
CA GLY A 289 30.86 4.33 -14.12
C GLY A 289 30.17 3.40 -15.07
N GLY A 290 30.44 3.61 -16.34
CA GLY A 290 29.92 2.75 -17.36
C GLY A 290 28.46 2.91 -17.62
N THR A 291 27.71 1.80 -17.76
CA THR A 291 26.36 1.79 -18.25
C THR A 291 25.40 0.89 -17.47
N ASN A 292 24.16 1.37 -17.30
CA ASN A 292 23.03 0.55 -16.89
C ASN A 292 22.40 -0.09 -18.14
N PHE A 293 22.93 -1.24 -18.51
CA PHE A 293 22.46 -1.92 -19.67
C PHE A 293 21.04 -2.49 -19.36
N GLY A 294 20.32 -2.87 -20.41
CA GLY A 294 19.05 -3.51 -20.27
C GLY A 294 18.09 -2.70 -19.44
N PHE A 295 17.48 -3.39 -18.49
CA PHE A 295 16.50 -2.83 -17.61
C PHE A 295 17.12 -2.61 -16.20
N TYR A 296 18.44 -2.54 -16.09
CA TYR A 296 19.02 -2.61 -14.77
C TYR A 296 19.11 -1.30 -14.00
N ASN A 297 18.66 -0.23 -14.60
CA ASN A 297 18.70 1.04 -13.92
C ASN A 297 17.86 1.07 -12.66
N GLY A 298 18.31 1.85 -11.69
CA GLY A 298 17.59 2.12 -10.48
C GLY A 298 16.66 3.34 -10.55
N ALA A 299 16.17 3.76 -9.41
CA ALA A 299 15.32 4.94 -9.27
C ALA A 299 15.35 5.50 -7.87
N ASN A 300 14.82 6.69 -7.73
CA ASN A 300 14.67 7.34 -6.47
C ASN A 300 13.24 7.84 -6.36
N HIS A 301 12.90 8.25 -5.17
CA HIS A 301 11.61 8.85 -4.93
C HIS A 301 11.82 10.00 -3.96
N ASN A 302 11.39 11.20 -4.27
CA ASN A 302 11.54 12.23 -3.28
C ASN A 302 10.26 12.23 -2.46
N GLU A 303 9.95 13.21 -1.84
CA GLU A 303 8.69 12.92 -1.15
C GLU A 303 7.47 12.93 -2.06
N THR A 304 7.54 13.39 -3.22
CA THR A 304 6.43 13.52 -4.09
C THR A 304 6.47 12.62 -5.34
N ASP A 305 7.62 12.57 -6.00
CA ASP A 305 7.80 11.98 -7.32
C ASP A 305 8.79 10.81 -7.37
N TYR A 306 8.50 9.87 -8.24
CA TYR A 306 9.32 8.75 -8.62
C TYR A 306 10.28 9.24 -9.69
N GLN A 307 11.56 8.94 -9.57
CA GLN A 307 12.57 9.48 -10.47
C GLN A 307 13.50 8.39 -10.99
N PRO A 308 13.35 8.04 -12.23
CA PRO A 308 14.06 6.91 -12.78
C PRO A 308 15.45 7.37 -13.23
N THR A 309 16.46 6.60 -12.89
CA THR A 309 17.81 6.88 -13.29
C THR A 309 18.00 6.49 -14.75
N ILE A 310 18.83 7.21 -15.47
CA ILE A 310 19.01 7.02 -16.88
C ILE A 310 19.88 5.81 -17.21
N THR A 311 19.96 5.48 -18.49
CA THR A 311 20.79 4.38 -18.92
C THR A 311 22.31 4.55 -18.70
N SER A 312 22.85 5.67 -19.14
CA SER A 312 24.23 5.96 -18.94
C SER A 312 24.54 6.09 -17.47
N TYR A 313 25.65 5.52 -17.05
CA TYR A 313 26.23 5.73 -15.74
C TYR A 313 27.61 6.38 -15.81
N ASP A 314 27.76 7.30 -16.75
CA ASP A 314 29.03 7.93 -17.01
C ASP A 314 29.46 8.57 -15.72
N TYR A 315 28.60 9.31 -15.06
CA TYR A 315 28.75 9.81 -13.68
C TYR A 315 29.72 11.00 -13.62
N ASP A 316 30.09 11.52 -14.77
CA ASP A 316 31.18 12.47 -14.79
C ASP A 316 32.40 11.82 -14.15
N GLY A 317 32.54 10.54 -14.41
CA GLY A 317 33.60 9.75 -13.84
C GLY A 317 34.97 10.12 -14.40
N LEU A 318 36.00 9.56 -13.80
CA LEU A 318 37.36 9.77 -14.23
C LEU A 318 37.56 9.20 -15.63
N LEU A 319 36.90 8.09 -15.92
CA LEU A 319 36.73 7.59 -17.28
C LEU A 319 35.32 7.84 -17.74
N THR A 320 35.12 8.09 -19.01
CA THR A 320 33.80 8.37 -19.55
C THR A 320 33.04 7.05 -19.62
N GLU A 321 31.79 7.11 -20.00
CA GLU A 321 30.97 5.86 -20.03
C GLU A 321 31.62 4.84 -20.92
N SER A 322 32.20 5.28 -22.02
CA SER A 322 32.89 4.39 -22.93
C SER A 322 34.35 4.13 -22.61
N GLY A 323 34.83 4.66 -21.50
CA GLY A 323 36.12 4.36 -21.02
C GLY A 323 37.24 5.36 -21.33
N ASP A 324 36.93 6.51 -21.89
CA ASP A 324 37.94 7.48 -22.21
C ASP A 324 38.47 8.21 -20.99
N VAL A 325 39.76 8.49 -21.00
CA VAL A 325 40.33 9.29 -19.95
C VAL A 325 39.81 10.69 -20.16
N THR A 326 39.88 11.49 -19.13
CA THR A 326 39.22 12.77 -19.08
C THR A 326 40.14 13.81 -18.44
N GLU A 327 39.74 15.05 -18.43
CA GLU A 327 40.48 16.08 -17.74
C GLU A 327 40.55 15.81 -16.22
N LYS A 328 39.46 15.29 -15.64
CA LYS A 328 39.44 14.96 -14.24
C LYS A 328 40.50 13.93 -13.92
N PHE A 329 40.67 12.97 -14.82
CA PHE A 329 41.63 11.91 -14.62
C PHE A 329 43.05 12.46 -14.47
N TYR A 330 43.47 13.32 -15.37
CA TYR A 330 44.79 13.94 -15.25
C TYR A 330 44.93 14.80 -14.00
N ALA A 331 43.88 15.51 -13.67
CA ALA A 331 43.88 16.40 -12.54
C ALA A 331 44.09 15.64 -11.22
N VAL A 332 43.36 14.55 -11.08
CA VAL A 332 43.46 13.63 -9.97
C VAL A 332 44.83 12.91 -9.91
N ARG A 333 45.37 12.54 -11.04
CA ARG A 333 46.67 11.90 -11.05
C ARG A 333 47.71 12.87 -10.53
N LYS A 334 47.58 14.12 -10.91
CA LYS A 334 48.51 15.15 -10.49
C LYS A 334 48.49 15.36 -8.97
N VAL A 335 47.30 15.35 -8.40
CA VAL A 335 47.22 15.40 -6.98
C VAL A 335 47.82 14.18 -6.33
N PHE A 336 47.54 13.03 -6.87
CA PHE A 336 48.05 11.81 -6.28
C PHE A 336 49.57 11.86 -6.24
N GLU A 337 50.17 12.45 -7.25
CA GLU A 337 51.60 12.53 -7.34
C GLU A 337 52.23 13.33 -6.20
N LYS A 338 51.54 14.28 -5.63
CA LYS A 338 51.99 14.97 -4.44
C LYS A 338 52.10 14.07 -3.22
N TYR A 339 51.33 13.01 -3.18
CA TYR A 339 51.17 12.20 -2.01
C TYR A 339 51.68 10.75 -2.10
N VAL A 340 51.90 10.25 -3.29
CA VAL A 340 52.50 8.96 -3.48
C VAL A 340 53.39 9.00 -4.69
N ASP A 341 54.48 8.27 -4.67
CA ASP A 341 55.36 8.26 -5.83
C ASP A 341 54.77 7.32 -6.88
N LEU A 342 54.69 7.75 -8.12
CA LEU A 342 54.11 6.96 -9.18
C LEU A 342 55.02 6.83 -10.39
N PRO A 343 54.83 5.76 -11.12
CA PRO A 343 55.53 5.51 -12.35
C PRO A 343 55.13 6.42 -13.46
N GLU A 344 55.89 6.45 -14.53
CA GLU A 344 55.55 7.27 -15.64
C GLU A 344 54.23 6.76 -16.10
N LEU A 345 53.39 7.68 -16.53
CA LEU A 345 52.07 7.32 -16.96
C LEU A 345 52.19 6.57 -18.25
N ASN A 346 51.54 5.43 -18.31
CA ASN A 346 51.50 4.61 -19.50
C ASN A 346 50.09 4.10 -19.71
N LEU A 347 49.40 4.63 -20.71
CA LEU A 347 48.06 4.20 -20.96
C LEU A 347 47.99 3.20 -22.08
N PRO A 348 46.94 2.41 -22.09
CA PRO A 348 46.65 1.56 -23.22
C PRO A 348 46.33 2.42 -24.42
N ALA A 349 46.42 1.85 -25.61
CA ALA A 349 46.02 2.55 -26.82
C ALA A 349 44.53 2.84 -26.74
N PRO A 350 44.10 4.01 -27.12
CA PRO A 350 42.68 4.29 -27.01
C PRO A 350 41.81 3.38 -27.87
N ILE A 351 40.61 3.09 -27.42
CA ILE A 351 39.71 2.20 -28.14
C ILE A 351 38.97 3.01 -29.18
N PRO A 352 39.08 2.61 -30.43
CA PRO A 352 38.52 3.42 -31.48
C PRO A 352 37.00 3.56 -31.39
N LYS A 353 36.52 4.73 -31.75
CA LYS A 353 35.11 5.01 -31.94
C LYS A 353 34.84 5.33 -33.41
N ARG A 354 33.75 4.82 -33.97
CA ARG A 354 33.40 5.03 -35.38
C ARG A 354 31.97 5.47 -35.53
N LEU A 355 31.68 6.23 -36.56
CA LEU A 355 30.31 6.44 -36.99
C LEU A 355 29.99 5.33 -37.96
N PHE A 356 28.78 4.86 -37.98
CA PHE A 356 28.36 3.90 -38.94
C PHE A 356 27.22 4.36 -39.82
N GLY A 357 26.71 5.56 -39.57
CA GLY A 357 25.78 6.19 -40.44
C GLY A 357 24.36 5.72 -40.25
N LYS A 358 23.50 6.07 -41.19
CA LYS A 358 22.12 5.72 -41.06
C LYS A 358 21.75 4.28 -41.32
N VAL A 359 20.92 3.72 -40.45
CA VAL A 359 20.25 2.43 -40.66
C VAL A 359 18.74 2.58 -40.83
N LYS A 360 18.22 2.18 -41.98
CA LYS A 360 16.80 2.27 -42.24
C LYS A 360 16.01 1.11 -41.67
N PHE A 361 14.84 1.40 -41.18
CA PHE A 361 14.05 0.34 -40.66
C PHE A 361 13.07 -0.06 -41.76
N THR A 362 13.29 -1.22 -42.35
CA THR A 362 12.43 -1.70 -43.44
C THR A 362 11.34 -2.64 -42.94
N GLU A 363 11.54 -3.20 -41.75
CA GLU A 363 10.58 -4.12 -41.16
C GLU A 363 10.02 -3.58 -39.85
N HIS A 364 8.76 -3.91 -39.57
CA HIS A 364 8.11 -3.48 -38.37
C HIS A 364 7.11 -4.52 -37.80
N ALA A 365 6.94 -4.51 -36.49
CA ALA A 365 5.93 -5.34 -35.88
C ALA A 365 5.32 -4.67 -34.67
N GLY A 366 4.00 -4.61 -34.65
CA GLY A 366 3.26 -4.11 -33.52
C GLY A 366 3.33 -5.02 -32.32
N LEU A 367 3.62 -4.45 -31.17
CA LEU A 367 3.79 -5.20 -29.97
C LEU A 367 2.49 -5.95 -29.60
N LEU A 368 1.37 -5.27 -29.66
CA LEU A 368 0.09 -5.85 -29.40
C LEU A 368 -0.33 -6.94 -30.41
N ASP A 369 0.32 -6.92 -31.54
CA ASP A 369 0.16 -7.90 -32.58
C ASP A 369 1.17 -9.00 -32.49
N SER A 370 2.06 -8.94 -31.52
CA SER A 370 3.08 -9.95 -31.34
C SER A 370 3.02 -10.77 -30.04
N LEU A 371 1.93 -10.72 -29.32
CA LEU A 371 1.99 -11.17 -27.95
C LEU A 371 2.46 -12.62 -27.71
N HIS A 372 1.94 -13.57 -28.43
CA HIS A 372 2.37 -14.93 -28.24
C HIS A 372 3.74 -15.25 -28.82
N ARG A 373 4.21 -14.36 -29.64
CA ARG A 373 5.54 -14.43 -30.20
C ARG A 373 6.64 -14.16 -29.16
N ILE A 374 6.28 -13.32 -28.21
CA ILE A 374 7.23 -12.96 -27.19
C ILE A 374 6.71 -13.08 -25.75
N SER A 375 5.63 -13.79 -25.53
CA SER A 375 5.11 -13.97 -24.21
C SER A 375 4.25 -15.21 -24.13
N THR A 376 3.86 -15.55 -22.93
CA THR A 376 2.95 -16.65 -22.65
C THR A 376 1.89 -16.08 -21.71
N PRO A 377 0.64 -16.15 -22.08
CA PRO A 377 -0.39 -15.52 -21.26
C PRO A 377 -0.58 -16.21 -19.92
N GLN A 378 -0.89 -15.45 -18.90
CA GLN A 378 -1.25 -16.00 -17.62
C GLN A 378 -2.56 -15.36 -17.22
N LYS A 379 -3.32 -16.03 -16.37
CA LYS A 379 -4.63 -15.57 -16.01
C LYS A 379 -4.76 -15.36 -14.51
N SER A 380 -5.48 -14.33 -14.11
CA SER A 380 -5.78 -14.13 -12.71
C SER A 380 -7.06 -13.36 -12.55
N GLU A 381 -7.70 -13.54 -11.43
CA GLU A 381 -8.97 -12.90 -11.16
C GLU A 381 -8.82 -11.39 -11.05
N ALA A 382 -7.76 -10.98 -10.39
CA ALA A 382 -7.43 -9.59 -10.16
C ALA A 382 -6.06 -9.27 -10.75
N PRO A 383 -5.86 -8.05 -11.17
CA PRO A 383 -4.55 -7.68 -11.68
C PRO A 383 -3.53 -7.76 -10.56
N LEU A 384 -2.44 -8.47 -10.79
CA LEU A 384 -1.37 -8.57 -9.83
C LEU A 384 -0.11 -7.81 -10.33
N PRO A 385 0.78 -7.41 -9.46
CA PRO A 385 1.99 -6.77 -9.94
C PRO A 385 2.89 -7.80 -10.62
N MET A 386 3.82 -7.37 -11.45
CA MET A 386 4.50 -8.28 -12.37
C MET A 386 5.31 -9.36 -11.66
N GLU A 387 5.76 -9.07 -10.47
CA GLU A 387 6.55 -10.02 -9.72
C GLU A 387 5.75 -11.32 -9.45
N LYS A 388 4.46 -11.15 -9.29
CA LYS A 388 3.56 -12.27 -9.00
C LYS A 388 3.37 -13.19 -10.19
N TYR A 389 3.72 -12.70 -11.36
CA TYR A 389 3.63 -13.46 -12.57
C TYR A 389 5.03 -14.01 -12.92
N GLY A 390 5.97 -13.87 -12.02
CA GLY A 390 7.32 -14.29 -12.24
C GLY A 390 8.20 -13.40 -13.08
N GLN A 391 7.90 -12.11 -13.13
CA GLN A 391 8.61 -11.20 -13.99
C GLN A 391 9.39 -10.10 -13.29
N ALA A 392 10.69 -10.07 -13.49
CA ALA A 392 11.52 -9.04 -12.91
C ALA A 392 11.50 -7.71 -13.59
N TYR A 393 11.78 -7.73 -14.88
CA TYR A 393 12.01 -6.54 -15.66
C TYR A 393 11.18 -6.41 -16.95
N GLY A 394 11.00 -5.19 -17.40
CA GLY A 394 10.38 -4.90 -18.68
C GLY A 394 8.98 -4.35 -18.72
N PHE A 395 8.15 -4.88 -19.61
CA PHE A 395 6.82 -4.38 -19.88
C PHE A 395 5.87 -5.53 -19.62
N ILE A 396 4.63 -5.21 -19.35
CA ILE A 396 3.62 -6.23 -19.16
C ILE A 396 2.30 -5.70 -19.65
N VAL A 397 1.58 -6.53 -20.36
CA VAL A 397 0.32 -6.14 -20.87
C VAL A 397 -0.78 -6.81 -20.03
N TYR A 398 -1.72 -6.01 -19.60
CA TYR A 398 -2.85 -6.45 -18.82
C TYR A 398 -4.11 -6.25 -19.68
N GLU A 399 -4.96 -7.26 -19.75
CA GLU A 399 -6.04 -7.26 -20.69
C GLU A 399 -7.32 -7.85 -20.04
N THR A 400 -8.44 -7.20 -20.24
CA THR A 400 -9.72 -7.67 -19.72
C THR A 400 -10.83 -7.17 -20.60
N THR A 401 -11.96 -7.86 -20.54
CA THR A 401 -13.13 -7.47 -21.26
C THR A 401 -14.21 -6.90 -20.36
N ILE A 402 -14.66 -5.73 -20.68
CA ILE A 402 -15.73 -5.11 -19.95
C ILE A 402 -17.05 -5.40 -20.67
N LYS A 403 -18.04 -5.88 -19.95
CA LYS A 403 -19.29 -6.18 -20.57
C LYS A 403 -20.37 -5.19 -20.23
N GLY A 404 -20.94 -4.59 -21.23
CA GLY A 404 -21.95 -3.59 -21.08
C GLY A 404 -21.44 -2.25 -21.47
N ALA A 405 -22.36 -1.41 -21.91
CA ALA A 405 -22.02 -0.09 -22.34
C ALA A 405 -22.10 0.80 -21.13
N TYR A 406 -20.96 1.05 -20.50
CA TYR A 406 -20.86 1.91 -19.34
C TYR A 406 -21.00 3.39 -19.65
N GLY A 407 -20.76 3.79 -20.87
CA GLY A 407 -20.69 5.20 -21.17
C GLY A 407 -19.42 5.89 -20.69
N LYS A 408 -19.50 7.17 -20.43
CA LYS A 408 -18.33 7.88 -20.03
C LYS A 408 -17.95 7.49 -18.61
N GLN A 409 -16.71 7.05 -18.44
CA GLN A 409 -16.20 6.63 -17.15
C GLN A 409 -14.81 7.16 -16.89
N ALA A 410 -14.47 7.34 -15.64
CA ALA A 410 -13.13 7.61 -15.25
C ALA A 410 -12.45 6.29 -14.96
N LEU A 411 -11.39 6.03 -15.69
CA LEU A 411 -10.61 4.84 -15.47
C LEU A 411 -9.49 5.18 -14.53
N THR A 412 -9.35 4.44 -13.46
CA THR A 412 -8.25 4.67 -12.55
C THR A 412 -7.43 3.41 -12.42
N VAL A 413 -6.13 3.59 -12.53
CA VAL A 413 -5.21 2.51 -12.27
C VAL A 413 -4.61 2.69 -10.88
N GLN A 414 -4.86 1.71 -10.04
CA GLN A 414 -4.52 1.76 -8.67
C GLN A 414 -3.54 0.67 -8.26
N ASP A 415 -2.27 0.99 -8.12
CA ASP A 415 -1.61 2.16 -8.64
C ASP A 415 -0.71 1.78 -9.84
N ILE A 416 -0.30 2.75 -10.62
CA ILE A 416 0.49 2.46 -11.77
C ILE A 416 2.00 2.64 -11.49
N HIS A 417 2.75 1.54 -11.61
CA HIS A 417 4.15 1.53 -11.33
C HIS A 417 4.87 0.98 -12.55
N ASP A 418 5.28 1.83 -13.47
CA ASP A 418 5.28 3.27 -13.33
C ASP A 418 4.64 4.13 -14.44
N ARG A 419 4.38 3.52 -15.57
CA ARG A 419 3.81 4.17 -16.72
C ARG A 419 3.00 3.19 -17.53
N GLY A 420 1.89 3.64 -18.05
CA GLY A 420 1.16 2.76 -18.91
C GLY A 420 0.41 3.43 -20.02
N GLN A 421 0.23 2.69 -21.08
CA GLN A 421 -0.51 3.09 -22.23
C GLN A 421 -1.80 2.29 -22.31
N VAL A 422 -2.91 3.01 -22.40
CA VAL A 422 -4.21 2.45 -22.33
C VAL A 422 -4.91 2.43 -23.70
N TYR A 423 -5.51 1.29 -24.01
CA TYR A 423 -6.23 0.99 -25.22
C TYR A 423 -7.60 0.39 -24.91
N VAL A 424 -8.59 0.85 -25.64
CA VAL A 424 -9.92 0.31 -25.55
C VAL A 424 -10.35 -0.10 -26.96
N ASN A 425 -10.65 -1.37 -27.15
CA ASN A 425 -11.11 -1.89 -28.42
C ASN A 425 -10.11 -1.52 -29.53
N GLY A 426 -8.85 -1.58 -29.19
CA GLY A 426 -7.82 -1.41 -30.16
C GLY A 426 -7.53 0.02 -30.55
N GLU A 427 -8.13 0.94 -29.82
CA GLU A 427 -7.90 2.36 -29.99
C GLU A 427 -7.13 2.92 -28.81
N TYR A 428 -6.22 3.83 -29.04
CA TYR A 428 -5.44 4.39 -27.97
C TYR A 428 -6.23 5.42 -27.27
N VAL A 429 -6.20 5.39 -25.97
CA VAL A 429 -6.89 6.38 -25.20
C VAL A 429 -5.97 7.28 -24.36
N GLY A 430 -4.82 6.88 -24.02
CA GLY A 430 -3.91 7.75 -23.32
C GLY A 430 -2.91 7.06 -22.44
N ILE A 431 -2.23 7.83 -21.62
CA ILE A 431 -1.27 7.25 -20.69
C ILE A 431 -1.62 7.59 -19.28
N VAL A 432 -1.34 6.66 -18.39
CA VAL A 432 -1.32 6.89 -16.98
C VAL A 432 0.12 6.86 -16.45
N GLU A 433 0.41 7.73 -15.52
CA GLU A 433 1.74 7.91 -15.01
C GLU A 433 1.72 7.88 -13.49
N ARG A 434 2.82 7.40 -12.92
CA ARG A 434 2.91 7.29 -11.48
C ARG A 434 2.80 8.61 -10.76
N ASN A 435 3.40 9.63 -11.32
CA ASN A 435 3.50 10.93 -10.68
C ASN A 435 2.29 11.73 -10.99
N ARG A 436 1.59 12.01 -9.92
CA ARG A 436 0.27 11.54 -9.70
C ARG A 436 -0.79 12.60 -10.01
N GLY A 437 -2.03 12.19 -9.88
CA GLY A 437 -3.14 12.84 -10.54
C GLY A 437 -3.17 12.27 -11.94
N CYS A 438 -2.09 11.63 -12.27
CA CYS A 438 -1.90 11.18 -13.59
C CYS A 438 -2.31 9.74 -13.78
N SER A 439 -3.09 9.22 -12.80
CA SER A 439 -3.48 7.80 -12.71
C SER A 439 -4.88 7.52 -13.17
N ARG A 440 -5.49 8.54 -13.71
CA ARG A 440 -6.85 8.55 -14.17
C ARG A 440 -6.94 8.97 -15.65
N LEU A 441 -7.77 8.31 -16.43
CA LEU A 441 -8.14 8.77 -17.77
C LEU A 441 -9.63 8.73 -17.96
N VAL A 442 -10.16 9.51 -18.86
CA VAL A 442 -11.57 9.40 -19.20
C VAL A 442 -11.75 8.50 -20.41
N VAL A 443 -12.55 7.47 -20.29
CA VAL A 443 -12.86 6.62 -21.41
C VAL A 443 -14.34 6.66 -21.72
N GLU A 444 -14.70 6.34 -22.96
CA GLU A 444 -16.07 6.26 -23.35
C GLU A 444 -16.39 4.88 -23.84
N LEU A 445 -17.15 4.13 -23.08
CA LEU A 445 -17.44 2.77 -23.40
C LEU A 445 -18.83 2.65 -23.95
N THR A 446 -18.95 2.78 -25.25
CA THR A 446 -20.25 2.78 -25.85
C THR A 446 -20.63 1.49 -26.50
N GLU A 447 -19.69 0.59 -26.69
CA GLU A 447 -20.02 -0.68 -27.29
C GLU A 447 -20.57 -1.66 -26.29
N GLU A 448 -21.14 -2.76 -26.76
CA GLU A 448 -21.64 -3.81 -25.88
C GLU A 448 -20.54 -4.47 -25.08
N GLU A 449 -19.38 -4.65 -25.67
CA GLU A 449 -18.21 -5.12 -24.97
C GLU A 449 -17.02 -4.21 -25.29
N SER A 450 -16.10 -4.06 -24.34
CA SER A 450 -14.90 -3.31 -24.57
C SER A 450 -13.65 -4.06 -24.13
N LYS A 451 -12.71 -4.28 -25.02
CA LYS A 451 -11.46 -4.91 -24.67
C LYS A 451 -10.47 -3.84 -24.20
N LEU A 452 -10.12 -3.93 -22.93
CA LEU A 452 -9.22 -3.00 -22.29
C LEU A 452 -7.85 -3.64 -22.23
N GLN A 453 -6.85 -2.91 -22.71
CA GLN A 453 -5.46 -3.31 -22.68
C GLN A 453 -4.62 -2.19 -22.06
N ILE A 454 -3.75 -2.54 -21.15
CA ILE A 454 -2.85 -1.57 -20.56
C ILE A 454 -1.44 -2.12 -20.66
N ILE A 455 -0.58 -1.37 -21.32
CA ILE A 455 0.83 -1.72 -21.45
C ILE A 455 1.64 -0.97 -20.42
N VAL A 456 2.17 -1.69 -19.46
CA VAL A 456 2.81 -1.10 -18.34
C VAL A 456 4.33 -1.28 -18.42
N GLU A 457 5.06 -0.20 -18.11
CA GLU A 457 6.47 -0.24 -18.05
C GLU A 457 6.95 -0.15 -16.61
N ASN A 458 7.81 -1.10 -16.21
CA ASN A 458 8.58 -1.04 -15.00
C ASN A 458 9.77 -0.19 -15.40
N MET A 459 9.82 1.03 -14.92
CA MET A 459 10.85 1.99 -15.29
C MET A 459 12.10 1.92 -14.41
N GLY A 460 12.09 0.94 -13.53
CA GLY A 460 13.11 0.69 -12.54
C GLY A 460 12.77 0.77 -11.07
N ARG A 461 13.12 -0.28 -10.35
CA ARG A 461 12.80 -0.36 -8.95
C ARG A 461 13.67 0.57 -8.13
N ILE A 462 13.02 1.31 -7.25
CA ILE A 462 13.63 2.23 -6.34
C ILE A 462 14.72 1.55 -5.53
N ASN A 463 15.80 2.26 -5.39
CA ASN A 463 17.00 1.74 -4.76
C ASN A 463 17.49 2.45 -3.51
N TYR A 464 16.75 3.42 -3.03
CA TYR A 464 17.10 4.16 -1.89
C TYR A 464 15.84 4.77 -1.28
N GLY A 465 15.87 4.87 0.03
CA GLY A 465 14.78 5.46 0.79
C GLY A 465 13.62 4.55 1.18
N PRO A 466 12.57 5.18 1.67
CA PRO A 466 11.50 4.51 2.39
C PRO A 466 10.48 3.87 1.48
N PHE A 467 10.58 4.09 0.19
CA PHE A 467 9.58 3.52 -0.68
C PHE A 467 10.13 2.36 -1.46
N VAL A 468 11.14 1.75 -0.91
CA VAL A 468 11.89 0.70 -1.61
C VAL A 468 11.09 -0.54 -1.86
N VAL A 469 9.99 -0.73 -1.16
CA VAL A 469 9.18 -1.91 -1.43
C VAL A 469 8.33 -1.56 -2.62
N ASP A 470 8.88 -1.79 -3.78
CA ASP A 470 8.45 -1.13 -4.99
C ASP A 470 7.96 -2.17 -5.99
N TYR A 471 6.71 -2.56 -5.85
CA TYR A 471 6.08 -3.48 -6.77
C TYR A 471 5.86 -2.79 -8.10
N LYS A 472 5.99 -3.53 -9.18
CA LYS A 472 5.83 -2.99 -10.49
C LYS A 472 4.65 -3.63 -11.28
N GLY A 473 4.11 -2.88 -12.22
CA GLY A 473 2.88 -3.23 -12.89
C GLY A 473 1.75 -2.43 -12.31
N ILE A 474 0.66 -3.13 -12.04
CA ILE A 474 -0.49 -2.55 -11.40
C ILE A 474 -0.54 -3.18 -10.03
N THR A 475 -0.37 -2.36 -9.02
CA THR A 475 -0.31 -2.85 -7.65
C THR A 475 -1.57 -3.45 -7.06
N GLU A 476 -2.73 -2.81 -7.24
CA GLU A 476 -3.95 -3.29 -6.63
C GLU A 476 -5.11 -3.63 -7.56
N GLY A 477 -5.41 -2.72 -8.45
CA GLY A 477 -6.58 -2.85 -9.30
C GLY A 477 -6.70 -1.82 -10.39
N VAL A 478 -7.66 -2.04 -11.27
CA VAL A 478 -8.09 -1.07 -12.25
C VAL A 478 -9.59 -0.86 -12.13
N ARG A 479 -10.05 0.37 -12.11
CA ARG A 479 -11.47 0.58 -11.92
C ARG A 479 -12.06 1.64 -12.80
N LEU A 480 -13.35 1.49 -13.05
CA LEU A 480 -14.11 2.49 -13.74
C LEU A 480 -15.01 3.10 -12.67
N GLY A 481 -14.87 4.37 -12.40
CA GLY A 481 -15.45 4.86 -11.17
C GLY A 481 -14.88 4.09 -9.99
N ASN A 482 -15.74 3.51 -9.16
CA ASN A 482 -15.29 2.69 -8.07
C ASN A 482 -15.31 1.22 -8.39
N GLN A 483 -15.75 0.89 -9.60
CA GLN A 483 -15.85 -0.49 -9.95
C GLN A 483 -14.53 -1.12 -10.48
N PHE A 484 -13.96 -1.99 -9.67
CA PHE A 484 -12.82 -2.76 -10.06
C PHE A 484 -13.20 -3.72 -11.15
N LEU A 485 -12.28 -3.95 -12.06
CA LEU A 485 -12.43 -4.91 -13.13
C LEU A 485 -11.74 -6.21 -12.81
N PHE A 486 -12.40 -7.32 -13.07
CA PHE A 486 -11.88 -8.61 -12.79
C PHE A 486 -11.71 -9.53 -14.04
N ASP A 487 -11.04 -10.64 -13.88
CA ASP A 487 -10.85 -11.58 -14.97
C ASP A 487 -9.84 -11.09 -16.00
N TRP A 488 -8.58 -11.12 -15.61
CA TRP A 488 -7.49 -10.73 -16.46
C TRP A 488 -6.63 -11.77 -17.15
N THR A 489 -6.12 -11.39 -18.31
CA THR A 489 -5.12 -12.11 -19.04
C THR A 489 -3.92 -11.17 -19.13
N VAL A 490 -2.72 -11.64 -18.85
CA VAL A 490 -1.56 -10.78 -18.82
C VAL A 490 -0.44 -11.44 -19.57
N TYR A 491 0.37 -10.60 -20.20
CA TYR A 491 1.47 -11.02 -20.98
C TYR A 491 2.74 -10.32 -20.48
N PRO A 492 3.53 -11.05 -19.77
CA PRO A 492 4.78 -10.52 -19.28
C PRO A 492 5.76 -10.37 -20.46
N LEU A 493 6.42 -9.23 -20.56
CA LEU A 493 7.29 -8.90 -21.65
C LEU A 493 8.68 -8.42 -21.14
N PRO A 494 9.45 -9.38 -20.70
CA PRO A 494 10.82 -9.17 -20.25
C PRO A 494 11.81 -8.91 -21.41
N LEU A 495 11.38 -9.23 -22.60
CA LEU A 495 12.11 -8.97 -23.83
C LEU A 495 13.47 -9.67 -23.82
N LYS A 496 13.58 -10.80 -23.17
CA LYS A 496 14.78 -11.62 -23.18
C LYS A 496 15.12 -12.34 -24.50
N ASP A 497 14.08 -12.75 -25.23
CA ASP A 497 14.25 -13.54 -26.42
C ASP A 497 13.26 -13.10 -27.44
N LEU A 498 13.75 -12.33 -28.39
CA LEU A 498 12.96 -11.78 -29.43
C LEU A 498 12.93 -12.56 -30.74
N SER A 499 13.54 -13.73 -30.73
CA SER A 499 13.78 -14.45 -31.94
C SER A 499 12.56 -14.90 -32.69
N SER A 500 11.44 -14.96 -32.02
CA SER A 500 10.23 -15.40 -32.67
C SER A 500 9.38 -14.31 -33.34
N LEU A 501 9.78 -13.07 -33.17
CA LEU A 501 9.12 -12.00 -33.79
C LEU A 501 9.20 -12.17 -35.29
N GLU A 502 8.18 -11.74 -35.99
CA GLU A 502 8.15 -11.64 -37.44
C GLU A 502 7.67 -10.24 -37.79
N PHE A 503 8.04 -9.78 -38.97
CA PHE A 503 7.87 -8.42 -39.35
C PHE A 503 7.30 -8.27 -40.75
N THR A 504 6.57 -7.20 -41.01
CA THR A 504 6.17 -6.75 -42.34
C THR A 504 6.59 -5.30 -42.56
N ALA A 505 6.39 -4.81 -43.76
CA ALA A 505 6.65 -3.42 -44.16
C ALA A 505 5.38 -2.64 -44.06
N ASP A 506 4.45 -3.12 -43.26
CA ASP A 506 3.10 -2.71 -43.31
C ASP A 506 2.97 -1.48 -42.48
N GLU A 507 1.76 -1.15 -42.13
CA GLU A 507 1.34 0.06 -41.44
C GLU A 507 2.04 0.12 -40.09
N VAL A 508 2.26 1.33 -39.60
CA VAL A 508 2.73 1.57 -38.24
C VAL A 508 1.89 2.68 -37.62
N LYS A 509 1.42 2.47 -36.40
CA LYS A 509 0.49 3.41 -35.78
C LYS A 509 1.11 4.17 -34.63
N GLU A 510 0.92 5.47 -34.65
CA GLU A 510 1.42 6.29 -33.59
C GLU A 510 0.74 5.91 -32.30
N ASN A 511 1.43 6.02 -31.19
CA ASN A 511 0.88 5.72 -29.88
C ASN A 511 0.66 4.26 -29.57
N PHE A 512 1.13 3.43 -30.46
CA PHE A 512 1.21 2.02 -30.26
C PHE A 512 2.69 1.58 -30.34
N PRO A 513 3.12 0.70 -29.47
CA PRO A 513 4.50 0.28 -29.53
C PRO A 513 4.74 -0.62 -30.71
N TYR A 514 5.82 -0.37 -31.42
CA TYR A 514 6.24 -1.22 -32.50
C TYR A 514 7.71 -1.53 -32.40
N PHE A 515 8.07 -2.74 -32.76
CA PHE A 515 9.41 -3.13 -33.02
C PHE A 515 9.82 -2.73 -34.45
N HIS A 516 10.96 -2.16 -34.63
CA HIS A 516 11.39 -1.74 -35.91
C HIS A 516 12.69 -2.46 -36.16
N LYS A 517 12.86 -3.08 -37.32
CA LYS A 517 14.05 -3.88 -37.56
C LYS A 517 14.86 -3.42 -38.75
N GLY A 518 16.16 -3.33 -38.52
CA GLY A 518 17.09 -2.85 -39.50
C GLY A 518 18.42 -3.61 -39.48
N ILE A 519 19.20 -3.44 -40.51
CA ILE A 519 20.49 -4.09 -40.62
C ILE A 519 21.64 -3.07 -40.70
N LEU A 520 22.66 -3.23 -39.89
CA LEU A 520 23.83 -2.40 -39.92
C LEU A 520 24.93 -3.26 -40.49
N THR A 521 25.58 -2.75 -41.52
CA THR A 521 26.70 -3.43 -42.10
C THR A 521 27.98 -2.78 -41.63
N VAL A 522 28.86 -3.60 -41.11
CA VAL A 522 30.02 -3.19 -40.40
C VAL A 522 31.24 -3.84 -41.04
N ASP A 523 32.17 -3.00 -41.47
CA ASP A 523 33.44 -3.45 -41.95
C ASP A 523 34.34 -4.04 -40.88
N LYS A 524 34.49 -3.31 -39.79
CA LYS A 524 35.19 -3.78 -38.62
C LYS A 524 34.49 -3.25 -37.37
N ALA A 525 34.24 -4.09 -36.40
CA ALA A 525 33.54 -3.64 -35.21
C ALA A 525 34.33 -2.55 -34.45
N ALA A 526 33.64 -1.51 -33.99
CA ALA A 526 34.29 -0.49 -33.21
C ALA A 526 33.23 0.11 -32.29
N ASP A 527 33.61 0.79 -31.23
CA ASP A 527 32.62 1.38 -30.35
C ASP A 527 31.86 2.43 -31.10
N THR A 528 30.61 2.58 -30.77
CA THR A 528 29.76 3.52 -31.45
C THR A 528 28.57 3.92 -30.60
N PHE A 529 27.81 4.88 -31.08
CA PHE A 529 26.67 5.38 -30.35
C PHE A 529 25.48 5.57 -31.26
N ILE A 530 24.31 5.18 -30.79
CA ILE A 530 23.09 5.35 -31.52
C ILE A 530 22.35 6.63 -31.12
N ASP A 531 22.13 7.52 -32.07
CA ASP A 531 21.48 8.78 -31.82
C ASP A 531 19.98 8.62 -31.95
N LEU A 532 19.30 8.76 -30.83
CA LEU A 532 17.90 8.47 -30.74
C LEU A 532 17.05 9.70 -30.50
N SER A 533 17.68 10.85 -30.79
CA SER A 533 17.08 12.16 -30.56
C SER A 533 15.80 12.37 -31.35
N GLU A 534 15.72 11.73 -32.51
CA GLU A 534 14.51 11.80 -33.31
C GLU A 534 13.31 11.06 -32.70
N TRP A 535 13.59 10.00 -31.98
CA TRP A 535 12.62 9.09 -31.44
C TRP A 535 12.06 9.59 -30.12
N THR A 536 11.15 8.83 -29.53
CA THR A 536 10.48 9.30 -28.35
C THR A 536 10.74 8.53 -27.03
N LYS A 537 10.37 7.28 -26.98
CA LYS A 537 10.70 6.46 -25.85
C LYS A 537 10.74 5.00 -26.20
N GLY A 538 11.73 4.33 -25.66
CA GLY A 538 11.88 2.92 -25.94
C GLY A 538 13.15 2.28 -25.49
N VAL A 539 13.49 1.18 -26.14
CA VAL A 539 14.70 0.45 -25.93
C VAL A 539 15.30 -0.02 -27.26
N VAL A 540 16.55 -0.40 -27.23
CA VAL A 540 17.23 -0.91 -28.41
C VAL A 540 18.02 -2.18 -28.14
N PHE A 541 18.03 -3.08 -29.13
CA PHE A 541 18.76 -4.33 -29.10
C PHE A 541 19.76 -4.35 -30.23
N VAL A 542 20.97 -4.78 -29.98
CA VAL A 542 21.94 -4.94 -31.05
C VAL A 542 22.42 -6.39 -31.02
N ASN A 543 22.12 -7.14 -32.05
CA ASN A 543 22.46 -8.53 -32.03
C ASN A 543 21.92 -9.20 -30.78
N GLY A 544 20.76 -8.76 -30.32
CA GLY A 544 20.14 -9.34 -29.15
C GLY A 544 20.58 -8.76 -27.83
N HIS A 545 21.54 -7.86 -27.89
CA HIS A 545 22.07 -7.23 -26.72
C HIS A 545 21.23 -6.00 -26.40
N HIS A 546 20.69 -5.99 -25.20
CA HIS A 546 19.78 -4.93 -24.79
C HIS A 546 20.61 -3.74 -24.30
N LEU A 547 20.62 -2.69 -25.08
CA LEU A 547 21.40 -1.50 -24.79
C LEU A 547 20.94 -0.72 -23.58
N GLY A 548 19.67 -0.78 -23.30
CA GLY A 548 19.08 0.14 -22.38
C GLY A 548 17.92 0.91 -22.94
N ARG A 549 17.50 1.92 -22.22
CA ARG A 549 16.40 2.75 -22.60
C ARG A 549 16.82 4.10 -23.18
N TYR A 550 15.94 4.69 -23.98
CA TYR A 550 16.07 6.02 -24.48
C TYR A 550 14.77 6.81 -24.25
N TRP A 551 14.81 8.10 -24.15
CA TRP A 551 13.62 8.89 -23.94
C TRP A 551 13.99 10.30 -24.39
N GLU A 552 13.17 10.93 -25.19
CA GLU A 552 13.47 12.22 -25.80
C GLU A 552 13.68 13.33 -24.79
N ILE A 553 13.19 13.13 -23.58
CA ILE A 553 13.26 14.17 -22.56
C ILE A 553 14.68 14.44 -22.03
N GLY A 554 15.58 13.53 -22.34
CA GLY A 554 16.97 13.70 -22.00
C GLY A 554 17.33 13.48 -20.56
N PRO A 555 18.50 13.92 -20.13
CA PRO A 555 19.51 14.58 -20.95
C PRO A 555 20.27 13.70 -21.92
N GLN A 556 20.28 12.42 -21.69
CA GLN A 556 20.92 11.48 -22.57
C GLN A 556 20.13 11.34 -23.88
N GLN A 557 20.81 11.47 -25.02
CA GLN A 557 20.16 11.24 -26.29
C GLN A 557 20.80 10.19 -27.18
N THR A 558 21.82 9.52 -26.70
CA THR A 558 22.49 8.45 -27.43
C THR A 558 22.64 7.24 -26.55
N LEU A 559 22.71 6.08 -27.14
CA LEU A 559 22.99 4.85 -26.45
C LEU A 559 24.35 4.32 -26.92
N TYR A 560 25.21 4.01 -25.98
CA TYR A 560 26.50 3.44 -26.24
C TYR A 560 26.37 2.01 -26.67
N VAL A 561 27.05 1.71 -27.75
CA VAL A 561 27.20 0.39 -28.26
C VAL A 561 28.65 -0.08 -28.16
N PRO A 562 28.95 -0.94 -27.23
CA PRO A 562 30.28 -1.51 -27.14
C PRO A 562 30.60 -2.36 -28.36
N ALA A 563 31.84 -2.34 -28.80
CA ALA A 563 32.19 -3.07 -29.99
C ALA A 563 31.83 -4.56 -29.91
N PRO A 564 31.95 -5.18 -28.76
CA PRO A 564 31.72 -6.63 -28.65
C PRO A 564 30.31 -7.06 -29.00
N PHE A 565 29.37 -6.14 -28.89
CA PHE A 565 28.02 -6.34 -29.28
C PHE A 565 27.87 -6.50 -30.82
N LEU A 566 28.77 -5.89 -31.56
CA LEU A 566 28.86 -5.92 -33.01
C LEU A 566 29.69 -7.09 -33.59
N GLN A 567 29.45 -7.35 -34.87
CA GLN A 567 30.20 -8.32 -35.62
C GLN A 567 30.41 -7.85 -37.04
N GLU A 568 31.46 -8.37 -37.66
CA GLU A 568 31.71 -8.03 -39.03
C GLU A 568 30.60 -8.53 -39.85
N GLY A 569 30.18 -7.75 -40.82
CA GLY A 569 29.04 -8.17 -41.60
C GLY A 569 27.75 -7.53 -41.19
N GLU A 570 26.65 -8.24 -41.35
CA GLU A 570 25.36 -7.72 -41.00
C GLU A 570 25.09 -7.86 -39.53
N ASN A 571 24.42 -6.87 -38.97
CA ASN A 571 24.12 -6.79 -37.57
C ASN A 571 22.66 -6.48 -37.45
N GLU A 572 21.98 -7.10 -36.49
CA GLU A 572 20.59 -6.91 -36.37
C GLU A 572 20.27 -5.79 -35.36
N ILE A 573 19.65 -4.74 -35.84
CA ILE A 573 19.23 -3.67 -34.99
C ILE A 573 17.74 -3.70 -34.80
N ILE A 574 17.32 -3.86 -33.57
CA ILE A 574 15.90 -3.84 -33.25
C ILE A 574 15.57 -2.79 -32.23
N LEU A 575 14.64 -1.93 -32.58
CA LEU A 575 14.32 -0.81 -31.75
C LEU A 575 12.88 -0.91 -31.41
N LEU A 576 12.52 -0.85 -30.13
CA LEU A 576 11.12 -0.82 -29.74
C LEU A 576 10.80 0.61 -29.36
N GLU A 577 9.91 1.22 -30.09
CA GLU A 577 9.48 2.55 -29.80
C GLU A 577 8.03 2.56 -29.38
N LEU A 578 7.79 3.20 -28.27
CA LEU A 578 6.50 3.28 -27.62
C LEU A 578 5.45 4.16 -28.25
N HIS A 579 5.84 5.31 -28.76
CA HIS A 579 4.88 6.28 -29.18
C HIS A 579 4.93 6.80 -30.60
N LYS A 580 6.08 7.32 -30.97
CA LYS A 580 6.20 8.03 -32.20
C LYS A 580 7.28 7.42 -33.06
N HIS A 581 6.92 7.04 -34.28
CA HIS A 581 7.74 6.22 -35.12
C HIS A 581 8.39 6.99 -36.28
N HIS A 582 9.53 6.52 -36.72
CA HIS A 582 10.33 7.19 -37.74
C HIS A 582 11.01 6.16 -38.62
N GLN A 583 11.71 6.60 -39.66
CA GLN A 583 12.20 5.67 -40.65
C GLN A 583 13.56 5.03 -40.44
N SER A 584 14.33 5.62 -39.55
CA SER A 584 15.72 5.28 -39.37
C SER A 584 16.33 5.78 -38.09
N VAL A 585 17.60 5.31 -37.73
CA VAL A 585 18.48 5.88 -36.79
C VAL A 585 19.91 6.04 -37.41
N THR A 586 20.65 6.72 -36.66
CA THR A 586 21.99 6.96 -37.14
C THR A 586 23.04 6.63 -36.08
N PHE A 587 24.15 6.06 -36.49
CA PHE A 587 25.15 5.68 -35.55
C PHE A 587 26.24 6.78 -35.63
N VAL A 588 26.65 7.31 -34.50
CA VAL A 588 27.60 8.40 -34.44
C VAL A 588 28.82 8.04 -33.56
N ASP A 589 29.87 8.86 -33.60
CA ASP A 589 31.11 8.56 -32.92
C ASP A 589 31.36 9.28 -31.61
N THR A 590 30.37 10.05 -31.20
CA THR A 590 30.45 10.66 -29.90
C THR A 590 29.10 10.75 -29.28
N PRO A 591 29.04 10.65 -27.97
CA PRO A 591 27.76 10.64 -27.31
C PRO A 591 27.14 12.00 -27.08
N VAL A 592 25.84 12.00 -26.81
CA VAL A 592 25.13 13.15 -26.32
C VAL A 592 24.55 12.79 -24.96
N LEU A 593 25.19 13.25 -23.91
CA LEU A 593 24.76 12.91 -22.56
C LEU A 593 24.17 14.12 -21.92
N GLY A 594 24.20 15.23 -22.62
CA GLY A 594 23.92 16.48 -22.00
C GLY A 594 23.06 17.45 -22.73
N ALA A 595 22.07 16.97 -23.40
CA ALA A 595 21.24 17.94 -23.98
C ALA A 595 20.31 18.56 -22.89
N MET B 15 -46.52 -24.40 2.04
CA MET B 15 -45.64 -23.31 2.44
C MET B 15 -45.82 -22.07 1.57
N SER B 16 -45.68 -20.88 2.14
CA SER B 16 -45.67 -19.67 1.35
C SER B 16 -44.41 -19.47 0.55
N GLN B 17 -44.53 -18.86 -0.61
CA GLN B 17 -43.39 -18.52 -1.43
C GLN B 17 -43.58 -17.18 -2.09
N LEU B 18 -42.59 -16.33 -2.10
CA LEU B 18 -42.67 -15.08 -2.81
C LEU B 18 -42.16 -15.33 -4.23
N THR B 19 -42.96 -15.01 -5.22
CA THR B 19 -42.56 -15.08 -6.60
C THR B 19 -42.87 -13.79 -7.31
N TYR B 20 -42.45 -13.68 -8.54
CA TYR B 20 -42.95 -12.62 -9.35
C TYR B 20 -43.21 -12.99 -10.76
N ASP B 21 -44.21 -12.35 -11.35
CA ASP B 21 -44.48 -12.45 -12.79
C ASP B 21 -44.29 -11.05 -13.38
N ASP B 22 -45.33 -10.24 -13.27
CA ASP B 22 -45.24 -8.81 -13.58
C ASP B 22 -45.30 -8.08 -12.26
N SER B 23 -45.99 -8.71 -11.31
CA SER B 23 -46.07 -8.26 -9.93
C SER B 23 -45.56 -9.30 -8.93
N PHE B 24 -45.27 -8.91 -7.71
CA PHE B 24 -44.92 -9.88 -6.69
C PHE B 24 -46.15 -10.67 -6.38
N LEU B 25 -45.98 -11.95 -6.12
CA LEU B 25 -47.04 -12.85 -5.72
C LEU B 25 -46.65 -13.57 -4.46
N LEU B 26 -47.54 -13.63 -3.52
CA LEU B 26 -47.36 -14.44 -2.35
C LEU B 26 -48.69 -15.03 -1.90
N ASP B 27 -48.71 -16.31 -1.56
CA ASP B 27 -49.90 -16.96 -1.02
C ASP B 27 -51.07 -16.78 -1.96
N GLY B 28 -50.82 -16.84 -3.23
CA GLY B 28 -51.87 -16.76 -4.21
C GLY B 28 -52.36 -15.38 -4.49
N LYS B 29 -51.74 -14.35 -3.93
CA LYS B 29 -52.15 -12.99 -4.23
C LYS B 29 -51.02 -12.00 -4.64
N GLU B 30 -51.37 -10.95 -5.38
CA GLU B 30 -50.45 -9.87 -5.64
C GLU B 30 -50.11 -9.24 -4.29
N ILE B 31 -48.89 -8.80 -4.14
CA ILE B 31 -48.47 -8.10 -2.92
C ILE B 31 -47.59 -6.90 -3.25
N ARG B 32 -47.67 -5.85 -2.49
CA ARG B 32 -46.74 -4.75 -2.59
C ARG B 32 -45.94 -4.83 -1.32
N LEU B 33 -44.65 -5.00 -1.45
CA LEU B 33 -43.79 -5.07 -0.30
C LEU B 33 -43.53 -3.68 0.20
N LEU B 34 -43.87 -3.46 1.45
CA LEU B 34 -43.55 -2.23 2.14
C LEU B 34 -42.64 -2.60 3.28
N SER B 35 -41.36 -2.35 3.13
CA SER B 35 -40.39 -2.90 4.04
C SER B 35 -39.62 -1.80 4.74
N GLY B 36 -39.22 -2.10 5.95
CA GLY B 36 -38.39 -1.22 6.71
C GLY B 36 -37.08 -1.88 7.11
N ALA B 37 -35.97 -1.19 6.91
CA ALA B 37 -34.67 -1.70 7.36
C ALA B 37 -34.52 -1.50 8.85
N MET B 38 -34.13 -2.56 9.54
CA MET B 38 -33.70 -2.47 10.88
C MET B 38 -32.61 -3.52 11.11
N HIS B 39 -31.56 -3.14 11.77
CA HIS B 39 -30.47 -4.06 11.95
C HIS B 39 -30.43 -4.62 13.36
N TYR B 40 -30.44 -5.92 13.48
CA TYR B 40 -30.50 -6.48 14.79
C TYR B 40 -29.32 -5.98 15.63
N PHE B 41 -28.21 -5.73 14.97
CA PHE B 41 -26.94 -5.51 15.61
C PHE B 41 -26.76 -4.09 16.13
N ARG B 42 -27.77 -3.28 15.85
CA ARG B 42 -27.80 -1.88 16.22
C ARG B 42 -28.80 -1.45 17.32
N THR B 43 -29.53 -2.42 17.87
CA THR B 43 -30.44 -2.19 18.97
C THR B 43 -30.27 -3.33 19.99
N VAL B 44 -30.22 -3.01 21.27
CA VAL B 44 -30.06 -4.06 22.23
C VAL B 44 -31.29 -4.99 22.17
N PRO B 45 -31.10 -6.27 22.42
CA PRO B 45 -32.15 -7.25 22.16
C PRO B 45 -33.43 -6.99 22.93
N GLU B 46 -33.30 -6.38 24.08
CA GLU B 46 -34.45 -6.15 24.91
C GLU B 46 -35.48 -5.26 24.21
N TYR B 47 -35.02 -4.46 23.28
CA TYR B 47 -35.83 -3.49 22.64
C TYR B 47 -36.25 -3.86 21.20
N TRP B 48 -35.87 -5.03 20.72
CA TRP B 48 -36.22 -5.39 19.37
C TRP B 48 -37.73 -5.40 19.17
N GLU B 49 -38.41 -5.87 20.08
CA GLU B 49 -39.85 -5.97 19.91
C GLU B 49 -40.50 -4.61 20.01
N ASP B 50 -40.04 -3.74 20.75
CA ASP B 50 -40.59 -2.39 20.72
C ASP B 50 -40.38 -1.75 19.33
N ARG B 51 -39.20 -1.86 18.76
CA ARG B 51 -38.97 -1.24 17.49
C ARG B 51 -39.85 -1.90 16.42
N LEU B 52 -39.87 -3.20 16.40
CA LEU B 52 -40.64 -3.92 15.43
C LEU B 52 -42.12 -3.61 15.52
N LEU B 53 -42.61 -3.47 16.72
CA LEU B 53 -44.01 -3.13 16.89
C LEU B 53 -44.30 -1.77 16.26
N LYS B 54 -43.41 -0.85 16.46
CA LYS B 54 -43.61 0.45 15.88
C LYS B 54 -43.66 0.41 14.35
N LEU B 55 -42.77 -0.35 13.76
CA LEU B 55 -42.73 -0.49 12.33
C LEU B 55 -44.02 -1.13 11.77
N LYS B 56 -44.52 -2.15 12.42
CA LYS B 56 -45.78 -2.75 12.01
C LYS B 56 -46.88 -1.72 12.12
N ALA B 57 -46.82 -0.91 13.14
CA ALA B 57 -47.83 0.10 13.37
C ALA B 57 -47.83 1.16 12.27
N CYS B 58 -46.65 1.46 11.75
CA CYS B 58 -46.53 2.39 10.65
C CYS B 58 -47.21 1.93 9.38
N GLY B 59 -47.39 0.62 9.26
CA GLY B 59 -47.90 0.05 8.05
C GLY B 59 -46.99 -0.84 7.19
N PHE B 60 -45.79 -1.06 7.65
CA PHE B 60 -44.86 -1.94 6.97
C PHE B 60 -45.40 -3.34 7.06
N ASN B 61 -45.25 -4.12 6.01
CA ASN B 61 -45.54 -5.52 6.10
C ASN B 61 -44.29 -6.41 6.19
N THR B 62 -43.14 -5.78 6.06
CA THR B 62 -41.91 -6.45 5.96
C THR B 62 -40.84 -5.70 6.74
N VAL B 63 -39.92 -6.46 7.28
CA VAL B 63 -38.70 -5.89 7.82
C VAL B 63 -37.51 -6.55 7.17
N GLU B 64 -36.45 -5.76 7.00
CA GLU B 64 -35.24 -6.17 6.32
C GLU B 64 -34.02 -5.92 7.14
N THR B 65 -33.09 -6.87 7.14
CA THR B 65 -31.85 -6.70 7.83
C THR B 65 -30.67 -7.33 7.11
N TYR B 66 -29.52 -6.67 7.24
CA TYR B 66 -28.24 -7.20 6.88
C TYR B 66 -27.81 -8.24 7.90
N VAL B 67 -26.81 -9.04 7.57
CA VAL B 67 -26.19 -9.93 8.52
C VAL B 67 -24.71 -9.53 8.69
N ALA B 68 -24.26 -9.31 9.90
CA ALA B 68 -22.91 -8.83 10.12
C ALA B 68 -21.89 -9.96 10.38
N TRP B 69 -21.12 -10.33 9.38
CA TRP B 69 -20.21 -11.43 9.51
C TRP B 69 -19.21 -11.16 10.62
N ASN B 70 -18.74 -9.93 10.75
CA ASN B 70 -17.76 -9.63 11.77
C ASN B 70 -18.27 -9.95 13.19
N LEU B 71 -19.56 -9.77 13.42
CA LEU B 71 -20.15 -10.08 14.72
C LEU B 71 -20.21 -11.60 14.93
N HIS B 72 -20.51 -12.25 13.86
CA HIS B 72 -20.66 -13.67 13.94
C HIS B 72 -19.43 -14.57 13.81
N GLU B 73 -18.37 -14.10 13.27
CA GLU B 73 -17.12 -14.82 13.29
C GLU B 73 -16.03 -13.84 13.62
N PRO B 74 -16.03 -13.38 14.84
CA PRO B 74 -15.16 -12.33 15.34
C PRO B 74 -13.73 -12.80 15.28
N GLU B 75 -13.51 -14.09 15.41
CA GLU B 75 -12.23 -14.72 15.19
C GLU B 75 -12.47 -15.97 14.37
N GLU B 76 -11.51 -16.35 13.56
CA GLU B 76 -11.81 -17.41 12.64
C GLU B 76 -12.11 -18.63 13.42
N GLY B 77 -13.18 -19.29 13.05
CA GLY B 77 -13.59 -20.50 13.69
C GLY B 77 -14.40 -20.29 14.94
N GLN B 78 -14.54 -19.06 15.38
CA GLN B 78 -15.32 -18.81 16.58
C GLN B 78 -16.64 -18.12 16.23
N PHE B 79 -17.75 -18.79 16.45
CA PHE B 79 -19.02 -18.35 15.91
C PHE B 79 -19.97 -17.89 17.02
N VAL B 80 -20.49 -16.69 16.87
CA VAL B 80 -21.23 -16.08 17.90
C VAL B 80 -22.65 -15.65 17.50
N PHE B 81 -23.64 -16.19 18.17
CA PHE B 81 -24.99 -15.81 17.93
C PHE B 81 -25.74 -15.38 19.22
N GLU B 82 -24.99 -14.76 20.13
CA GLU B 82 -25.40 -14.39 21.46
C GLU B 82 -25.80 -12.92 21.56
N GLY B 83 -26.83 -12.68 22.33
CA GLY B 83 -27.19 -11.36 22.69
C GLY B 83 -27.54 -10.52 21.50
N ILE B 84 -26.88 -9.39 21.35
CA ILE B 84 -27.19 -8.50 20.29
C ILE B 84 -26.86 -9.10 18.95
N ALA B 85 -26.12 -10.19 18.93
CA ALA B 85 -25.83 -10.91 17.73
C ALA B 85 -26.84 -12.02 17.40
N ASP B 86 -27.95 -12.09 18.16
CA ASP B 86 -28.84 -13.24 18.12
C ASP B 86 -29.85 -13.02 16.98
N ILE B 87 -29.42 -13.22 15.75
CA ILE B 87 -30.25 -12.92 14.61
C ILE B 87 -31.53 -13.76 14.58
N VAL B 88 -31.40 -15.00 14.96
CA VAL B 88 -32.56 -15.87 14.97
C VAL B 88 -33.66 -15.30 15.89
N ARG B 89 -33.25 -14.84 17.06
CA ARG B 89 -34.16 -14.24 17.98
C ARG B 89 -34.79 -12.98 17.40
N PHE B 90 -33.99 -12.18 16.73
CA PHE B 90 -34.52 -10.99 16.10
C PHE B 90 -35.58 -11.35 15.05
N ILE B 91 -35.28 -12.30 14.21
CA ILE B 91 -36.24 -12.73 13.22
C ILE B 91 -37.50 -13.39 13.76
N LYS B 92 -37.35 -14.20 14.78
CA LYS B 92 -38.49 -14.79 15.43
C LYS B 92 -39.39 -13.67 16.03
N THR B 93 -38.76 -12.63 16.52
CA THR B 93 -39.48 -11.50 17.02
C THR B 93 -40.27 -10.81 15.91
N ALA B 94 -39.69 -10.69 14.73
CA ALA B 94 -40.38 -10.09 13.63
C ALA B 94 -41.59 -10.97 13.27
N GLU B 95 -41.40 -12.26 13.29
CA GLU B 95 -42.50 -13.16 12.99
C GLU B 95 -43.63 -12.96 13.98
N LYS B 96 -43.30 -12.85 15.25
CA LYS B 96 -44.28 -12.74 16.31
C LYS B 96 -45.12 -11.49 16.09
N VAL B 97 -44.49 -10.43 15.71
CA VAL B 97 -45.12 -9.17 15.51
C VAL B 97 -45.95 -9.11 14.23
N GLY B 98 -45.76 -10.08 13.35
CA GLY B 98 -46.47 -10.10 12.11
C GLY B 98 -45.82 -9.57 10.87
N LEU B 99 -44.51 -9.54 10.82
CA LEU B 99 -43.80 -9.05 9.66
C LEU B 99 -43.14 -10.17 8.85
N HIS B 100 -43.19 -10.04 7.55
CA HIS B 100 -42.35 -10.81 6.68
C HIS B 100 -40.91 -10.33 6.91
N VAL B 101 -39.95 -11.17 6.54
CA VAL B 101 -38.55 -10.84 6.67
C VAL B 101 -37.78 -11.05 5.38
N ILE B 102 -36.96 -10.05 5.09
CA ILE B 102 -35.94 -10.09 4.07
C ILE B 102 -34.54 -10.09 4.74
N VAL B 103 -33.67 -11.01 4.38
CA VAL B 103 -32.29 -11.08 4.86
C VAL B 103 -31.28 -10.79 3.71
N ARG B 104 -30.29 -9.97 4.01
CA ARG B 104 -29.27 -9.64 3.09
C ARG B 104 -27.99 -10.05 3.78
N PRO B 105 -27.55 -11.25 3.48
CA PRO B 105 -26.43 -11.89 4.16
C PRO B 105 -25.06 -11.47 3.67
N GLY B 106 -25.00 -10.60 2.70
CA GLY B 106 -23.73 -10.17 2.13
C GLY B 106 -22.97 -11.17 1.27
N PRO B 107 -21.71 -11.48 1.58
CA PRO B 107 -21.08 -11.33 2.87
C PRO B 107 -20.53 -9.98 3.22
N PHE B 108 -20.39 -9.10 2.24
CA PHE B 108 -20.06 -7.73 2.50
C PHE B 108 -21.36 -6.97 2.50
N ILE B 109 -21.60 -6.24 3.56
CA ILE B 109 -22.85 -5.50 3.70
C ILE B 109 -22.77 -4.01 3.63
N CYS B 110 -21.56 -3.52 3.66
CA CYS B 110 -21.32 -2.09 3.59
C CYS B 110 -22.04 -1.65 4.88
N ALA B 111 -23.00 -0.75 4.74
CA ALA B 111 -23.88 -0.48 5.86
C ALA B 111 -23.33 0.49 6.92
N GLU B 112 -22.35 1.27 6.52
CA GLU B 112 -21.69 2.19 7.41
C GLU B 112 -21.19 1.47 8.69
N TRP B 113 -20.72 0.25 8.52
CA TRP B 113 -20.41 -0.65 9.60
C TRP B 113 -18.97 -1.12 9.43
N GLU B 114 -18.32 -1.48 10.52
CA GLU B 114 -16.86 -1.65 10.47
C GLU B 114 -16.53 -2.62 9.34
N PHE B 115 -15.70 -2.18 8.41
CA PHE B 115 -15.16 -3.02 7.37
C PHE B 115 -16.29 -3.60 6.49
N GLY B 116 -17.44 -2.92 6.46
CA GLY B 116 -18.56 -3.41 5.69
C GLY B 116 -18.99 -4.79 6.14
N GLY B 117 -18.77 -5.10 7.38
CA GLY B 117 -19.11 -6.38 7.91
C GLY B 117 -18.08 -7.50 7.84
N PHE B 118 -17.04 -7.29 7.08
CA PHE B 118 -16.02 -8.33 6.98
C PHE B 118 -15.26 -8.42 8.31
N PRO B 119 -14.90 -9.60 8.75
CA PRO B 119 -14.03 -9.74 9.90
C PRO B 119 -12.60 -9.21 9.63
N TYR B 120 -11.95 -8.68 10.64
CA TYR B 120 -10.66 -8.04 10.53
C TYR B 120 -9.66 -9.06 9.98
N TRP B 121 -9.87 -10.29 10.35
CA TRP B 121 -8.92 -11.35 10.10
C TRP B 121 -8.82 -11.76 8.64
N LEU B 122 -9.75 -11.26 7.83
CA LEU B 122 -9.66 -11.48 6.40
C LEU B 122 -8.39 -10.77 5.91
N LEU B 123 -7.98 -9.73 6.58
CA LEU B 123 -6.89 -8.92 6.13
C LEU B 123 -5.53 -9.64 6.19
N THR B 124 -5.44 -10.74 6.90
CA THR B 124 -4.20 -11.46 7.02
C THR B 124 -4.23 -12.83 6.36
N VAL B 125 -5.23 -13.09 5.56
CA VAL B 125 -5.31 -14.34 4.87
C VAL B 125 -4.44 -14.23 3.65
N PRO B 126 -3.51 -15.15 3.49
CA PRO B 126 -2.56 -14.97 2.42
C PRO B 126 -3.16 -15.01 1.03
N ASN B 127 -2.77 -14.11 0.16
CA ASN B 127 -3.19 -14.15 -1.22
C ASN B 127 -4.69 -13.81 -1.45
N ILE B 128 -5.33 -13.33 -0.40
CA ILE B 128 -6.73 -13.00 -0.50
C ILE B 128 -6.99 -11.81 -1.38
N LYS B 129 -8.02 -11.88 -2.19
CA LYS B 129 -8.59 -10.75 -2.85
C LYS B 129 -10.08 -10.73 -2.59
N LEU B 130 -10.56 -9.61 -2.14
CA LEU B 130 -11.94 -9.44 -1.73
C LEU B 130 -12.98 -9.30 -2.84
N ARG B 131 -14.08 -9.97 -2.64
CA ARG B 131 -15.22 -9.77 -3.47
C ARG B 131 -14.95 -10.01 -4.93
N CYS B 132 -14.24 -11.11 -5.18
CA CYS B 132 -14.03 -11.65 -6.48
C CYS B 132 -13.80 -13.15 -6.41
N PHE B 133 -13.56 -13.76 -7.55
CA PHE B 133 -13.47 -15.18 -7.65
C PHE B 133 -12.05 -15.57 -7.21
N ASN B 134 -11.81 -15.43 -5.93
CA ASN B 134 -10.57 -15.71 -5.26
C ASN B 134 -10.72 -16.86 -4.29
N GLN B 135 -9.93 -17.90 -4.42
CA GLN B 135 -10.14 -19.07 -3.64
C GLN B 135 -10.01 -18.89 -2.13
N PRO B 136 -9.03 -18.15 -1.67
CA PRO B 136 -8.93 -17.97 -0.24
C PRO B 136 -10.18 -17.24 0.27
N TYR B 137 -10.64 -16.23 -0.42
CA TYR B 137 -11.80 -15.49 0.04
C TYR B 137 -13.02 -16.36 0.09
N LEU B 138 -13.29 -17.09 -0.97
CA LEU B 138 -14.44 -17.97 -1.05
C LEU B 138 -14.40 -19.10 0.00
N GLU B 139 -13.22 -19.57 0.33
CA GLU B 139 -13.15 -20.56 1.35
C GLU B 139 -13.68 -20.01 2.65
N LYS B 140 -13.30 -18.81 2.99
CA LYS B 140 -13.74 -18.18 4.21
C LYS B 140 -15.26 -17.93 4.16
N VAL B 141 -15.74 -17.46 3.03
CA VAL B 141 -17.14 -17.23 2.85
C VAL B 141 -17.96 -18.55 3.00
N ASP B 142 -17.51 -19.64 2.44
CA ASP B 142 -18.22 -20.90 2.54
C ASP B 142 -18.33 -21.41 3.98
N ALA B 143 -17.23 -21.31 4.70
CA ALA B 143 -17.18 -21.80 6.04
C ALA B 143 -18.19 -21.02 6.89
N TYR B 144 -18.25 -19.73 6.68
CA TYR B 144 -19.21 -18.92 7.40
C TYR B 144 -20.69 -19.20 7.08
N PHE B 145 -20.98 -19.25 5.80
CA PHE B 145 -22.29 -19.46 5.30
C PHE B 145 -22.82 -20.82 5.77
N ASP B 146 -21.95 -21.80 5.85
CA ASP B 146 -22.37 -23.09 6.26
C ASP B 146 -22.96 -22.94 7.66
N VAL B 147 -22.31 -22.19 8.53
CA VAL B 147 -22.83 -21.94 9.85
C VAL B 147 -24.08 -21.06 9.91
N LEU B 148 -24.03 -19.94 9.22
CA LEU B 148 -25.12 -19.01 9.27
C LEU B 148 -26.42 -19.61 8.75
N PHE B 149 -26.37 -20.27 7.64
CA PHE B 149 -27.55 -20.81 7.01
C PHE B 149 -28.17 -21.96 7.79
N GLU B 150 -27.34 -22.66 8.54
CA GLU B 150 -27.86 -23.66 9.42
C GLU B 150 -28.74 -22.99 10.44
N ARG B 151 -28.30 -21.85 10.94
CA ARG B 151 -29.11 -21.09 11.87
C ARG B 151 -30.39 -20.54 11.26
N LEU B 152 -30.32 -20.05 10.04
CA LEU B 152 -31.45 -19.43 9.40
C LEU B 152 -32.42 -20.42 8.81
N ARG B 153 -32.04 -21.65 8.69
CA ARG B 153 -32.77 -22.58 7.86
C ARG B 153 -34.23 -22.77 8.33
N PRO B 154 -34.45 -22.92 9.60
CA PRO B 154 -35.81 -23.16 10.11
C PRO B 154 -36.73 -21.96 9.89
N LEU B 155 -36.12 -20.83 9.65
CA LEU B 155 -36.76 -19.55 9.55
C LEU B 155 -37.21 -19.17 8.13
N LEU B 156 -36.74 -19.91 7.15
CA LEU B 156 -37.14 -19.78 5.77
C LEU B 156 -38.61 -20.07 5.58
N SER B 157 -39.24 -19.31 4.70
CA SER B 157 -40.63 -19.50 4.44
C SER B 157 -40.85 -20.91 3.93
N SER B 158 -39.89 -21.46 3.21
CA SER B 158 -40.07 -22.80 2.72
C SER B 158 -40.12 -23.82 3.82
N ASN B 159 -39.73 -23.43 5.02
CA ASN B 159 -39.80 -24.25 6.16
C ASN B 159 -40.80 -23.72 7.19
N GLY B 160 -41.63 -22.76 6.81
CA GLY B 160 -42.63 -22.22 7.69
C GLY B 160 -42.33 -20.95 8.46
N GLY B 161 -41.12 -20.46 8.30
CA GLY B 161 -40.70 -19.21 8.87
C GLY B 161 -41.06 -17.99 8.04
N PRO B 162 -40.61 -16.83 8.50
CA PRO B 162 -40.96 -15.53 7.92
C PRO B 162 -40.04 -15.04 6.81
N ILE B 163 -38.95 -15.74 6.58
CA ILE B 163 -38.02 -15.22 5.64
C ILE B 163 -38.43 -15.56 4.24
N ILE B 164 -38.82 -14.55 3.51
CA ILE B 164 -39.25 -14.69 2.14
C ILE B 164 -38.32 -14.43 0.97
N ALA B 165 -37.25 -13.71 1.20
CA ALA B 165 -36.31 -13.34 0.18
C ALA B 165 -34.93 -13.06 0.77
N LEU B 166 -33.90 -13.29 -0.02
CA LEU B 166 -32.55 -13.00 0.37
C LEU B 166 -31.77 -12.33 -0.77
N GLN B 167 -30.94 -11.38 -0.41
CA GLN B 167 -30.09 -10.67 -1.36
C GLN B 167 -28.77 -11.40 -1.53
N ILE B 168 -28.35 -11.48 -2.77
CA ILE B 168 -27.11 -12.10 -3.09
C ILE B 168 -25.88 -11.25 -2.82
N GLU B 169 -25.59 -10.16 -3.43
CA GLU B 169 -24.29 -9.64 -2.86
C GLU B 169 -24.85 -8.34 -2.32
N ASN B 170 -24.08 -7.31 -2.16
CA ASN B 170 -24.65 -6.00 -2.06
C ASN B 170 -24.09 -4.85 -2.87
N GLU B 171 -24.92 -4.31 -3.73
CA GLU B 171 -24.48 -3.25 -4.61
C GLU B 171 -23.15 -3.64 -5.28
N TYR B 172 -23.06 -4.85 -5.76
CA TYR B 172 -21.77 -5.32 -6.23
C TYR B 172 -21.23 -4.48 -7.39
N GLY B 173 -22.10 -3.94 -8.21
CA GLY B 173 -21.70 -3.16 -9.35
C GLY B 173 -20.97 -1.88 -9.00
N SER B 174 -21.05 -1.51 -7.75
CA SER B 174 -20.37 -0.35 -7.24
C SER B 174 -18.97 -0.73 -6.85
N PHE B 175 -18.71 -2.01 -6.80
CA PHE B 175 -17.40 -2.51 -6.42
C PHE B 175 -16.70 -3.37 -7.45
N GLY B 176 -17.42 -4.12 -8.23
CA GLY B 176 -16.78 -5.08 -9.07
C GLY B 176 -17.64 -5.53 -10.23
N ASN B 177 -17.04 -6.38 -11.05
CA ASN B 177 -17.71 -6.96 -12.17
C ASN B 177 -17.45 -8.45 -12.37
N ASP B 178 -17.08 -9.17 -11.33
CA ASP B 178 -16.69 -10.56 -11.49
C ASP B 178 -17.90 -11.47 -11.49
N GLN B 179 -18.34 -11.87 -12.66
CA GLN B 179 -19.49 -12.74 -12.77
C GLN B 179 -19.34 -14.13 -12.16
N LYS B 180 -18.15 -14.68 -12.21
CA LYS B 180 -17.94 -15.99 -11.66
C LYS B 180 -18.18 -15.96 -10.17
N TYR B 181 -17.68 -14.91 -9.56
CA TYR B 181 -17.93 -14.72 -8.15
C TYR B 181 -19.44 -14.62 -7.86
N LEU B 182 -20.15 -13.79 -8.60
CA LEU B 182 -21.57 -13.65 -8.35
C LEU B 182 -22.33 -14.96 -8.56
N GLN B 183 -21.98 -15.66 -9.61
CA GLN B 183 -22.57 -16.95 -9.88
C GLN B 183 -22.24 -17.96 -8.80
N TYR B 184 -21.02 -17.94 -8.32
CA TYR B 184 -20.66 -18.83 -7.22
C TYR B 184 -21.45 -18.52 -5.93
N LEU B 185 -21.59 -17.25 -5.68
CA LEU B 185 -22.35 -16.83 -4.51
C LEU B 185 -23.83 -17.21 -4.58
N ARG B 186 -24.41 -17.02 -5.75
CA ARG B 186 -25.79 -17.35 -5.98
C ARG B 186 -25.98 -18.81 -5.73
N ASP B 187 -25.07 -19.62 -6.24
CA ASP B 187 -25.14 -21.05 -6.03
C ASP B 187 -24.98 -21.42 -4.60
N GLY B 188 -24.02 -20.78 -3.94
CA GLY B 188 -23.80 -21.06 -2.56
C GLY B 188 -24.97 -20.69 -1.65
N ILE B 189 -25.59 -19.56 -1.88
CA ILE B 189 -26.76 -19.23 -1.14
C ILE B 189 -27.92 -20.16 -1.50
N LYS B 190 -28.15 -20.40 -2.78
CA LYS B 190 -29.23 -21.23 -3.22
C LYS B 190 -29.16 -22.62 -2.67
N LYS B 191 -28.00 -23.20 -2.65
CA LYS B 191 -27.90 -24.53 -2.14
C LYS B 191 -28.12 -24.68 -0.61
N ARG B 192 -28.07 -23.58 0.12
CA ARG B 192 -28.21 -23.56 1.56
C ARG B 192 -29.60 -23.07 2.02
N VAL B 193 -30.40 -22.69 1.05
CA VAL B 193 -31.77 -22.32 1.32
C VAL B 193 -32.78 -23.16 0.53
N GLY B 194 -33.98 -22.64 0.47
CA GLY B 194 -35.06 -23.25 -0.25
C GLY B 194 -35.37 -22.52 -1.51
N ASN B 195 -36.65 -22.28 -1.74
CA ASN B 195 -37.11 -21.63 -2.92
C ASN B 195 -37.39 -20.18 -2.69
N GLU B 196 -36.74 -19.62 -1.70
CA GLU B 196 -36.93 -18.25 -1.39
C GLU B 196 -36.43 -17.39 -2.57
N LEU B 197 -37.01 -16.23 -2.73
CA LEU B 197 -36.66 -15.37 -3.83
C LEU B 197 -35.28 -14.79 -3.56
N LEU B 198 -34.38 -14.98 -4.49
CA LEU B 198 -33.05 -14.40 -4.48
C LEU B 198 -32.99 -13.19 -5.38
N PHE B 199 -32.26 -12.20 -4.93
CA PHE B 199 -32.15 -10.99 -5.67
C PHE B 199 -30.90 -10.22 -5.37
N THR B 200 -30.67 -9.25 -6.21
CA THR B 200 -29.59 -8.32 -6.04
C THR B 200 -30.11 -6.87 -5.97
N SER B 201 -29.22 -5.96 -5.57
CA SER B 201 -29.56 -4.57 -5.60
C SER B 201 -28.38 -3.77 -6.08
N ASP B 202 -28.59 -2.67 -6.77
CA ASP B 202 -27.55 -1.80 -7.21
C ASP B 202 -28.10 -0.40 -7.38
N GLY B 203 -27.22 0.56 -7.52
CA GLY B 203 -27.65 1.87 -7.93
C GLY B 203 -28.09 1.88 -9.39
N PRO B 204 -28.95 2.82 -9.74
CA PRO B 204 -29.58 2.84 -11.05
C PRO B 204 -28.70 3.50 -12.10
N GLU B 205 -27.59 2.86 -12.37
CA GLU B 205 -26.62 3.40 -13.31
C GLU B 205 -26.08 2.27 -14.15
N PRO B 206 -25.76 2.54 -15.40
CA PRO B 206 -25.39 1.44 -16.29
C PRO B 206 -24.17 0.67 -15.80
N SER B 207 -23.17 1.36 -15.25
CA SER B 207 -22.03 0.64 -14.72
C SER B 207 -22.44 -0.29 -13.59
N MET B 208 -23.25 0.20 -12.69
CA MET B 208 -23.66 -0.61 -11.57
C MET B 208 -24.58 -1.77 -11.95
N LEU B 209 -25.53 -1.50 -12.80
CA LEU B 209 -26.40 -2.55 -13.27
C LEU B 209 -25.66 -3.59 -14.09
N SER B 210 -24.81 -3.16 -14.98
CA SER B 210 -24.03 -4.12 -15.73
C SER B 210 -23.10 -4.96 -14.85
N GLY B 211 -22.41 -4.36 -13.90
CA GLY B 211 -21.51 -5.05 -13.00
C GLY B 211 -22.12 -5.99 -12.00
N GLY B 212 -23.25 -5.49 -11.50
CA GLY B 212 -23.98 -6.07 -10.39
C GLY B 212 -25.04 -7.11 -10.64
N MET B 213 -25.66 -7.09 -11.80
CA MET B 213 -26.76 -7.99 -12.11
C MET B 213 -26.28 -9.39 -12.41
N ILE B 214 -27.11 -10.37 -12.10
CA ILE B 214 -26.81 -11.75 -12.43
C ILE B 214 -27.95 -12.27 -13.32
N GLU B 215 -27.62 -12.89 -14.43
CA GLU B 215 -28.62 -13.27 -15.38
C GLU B 215 -29.58 -14.26 -14.71
N GLY B 216 -30.86 -13.99 -14.85
CA GLY B 216 -31.88 -14.84 -14.31
C GLY B 216 -32.23 -14.51 -12.88
N ILE B 217 -31.52 -13.54 -12.32
CA ILE B 217 -31.75 -13.10 -10.96
C ILE B 217 -32.31 -11.67 -10.94
N PHE B 218 -33.35 -11.53 -10.16
CA PHE B 218 -34.17 -10.32 -10.01
C PHE B 218 -33.25 -9.24 -9.47
N GLU B 219 -33.37 -8.05 -10.03
CA GLU B 219 -32.61 -6.90 -9.62
C GLU B 219 -33.54 -5.82 -9.07
N THR B 220 -32.96 -5.11 -8.14
CA THR B 220 -33.57 -3.98 -7.47
C THR B 220 -32.59 -2.83 -7.44
N VAL B 221 -33.09 -1.63 -7.17
CA VAL B 221 -32.26 -0.46 -7.13
C VAL B 221 -32.35 0.39 -5.87
N ASN B 222 -31.31 1.15 -5.60
CA ASN B 222 -31.15 1.88 -4.37
C ASN B 222 -31.00 3.32 -4.75
N PHE B 223 -31.77 4.17 -4.11
CA PHE B 223 -31.72 5.58 -4.37
C PHE B 223 -32.37 6.43 -3.28
N GLY B 224 -32.06 7.70 -3.28
CA GLY B 224 -32.68 8.60 -2.36
C GLY B 224 -33.77 9.49 -2.93
N SER B 225 -33.65 9.70 -4.22
CA SER B 225 -34.59 10.52 -4.94
C SER B 225 -34.68 10.19 -6.42
N ARG B 226 -35.56 10.88 -7.12
CA ARG B 226 -35.77 10.66 -8.53
C ARG B 226 -36.19 9.24 -8.96
N ALA B 227 -37.27 8.76 -8.39
CA ALA B 227 -37.69 7.39 -8.59
C ALA B 227 -38.09 7.07 -10.03
N GLU B 228 -38.71 7.99 -10.71
CA GLU B 228 -39.13 7.74 -12.07
C GLU B 228 -37.89 7.47 -12.94
N SER B 229 -36.88 8.29 -12.80
CA SER B 229 -35.64 8.12 -13.52
C SER B 229 -34.93 6.82 -13.17
N ALA B 230 -34.93 6.51 -11.90
CA ALA B 230 -34.28 5.30 -11.45
C ALA B 230 -34.91 4.03 -11.99
N PHE B 231 -36.20 3.90 -11.86
CA PHE B 231 -36.89 2.73 -12.37
C PHE B 231 -36.82 2.62 -13.88
N ALA B 232 -36.80 3.76 -14.56
CA ALA B 232 -36.68 3.75 -15.99
C ALA B 232 -35.34 3.16 -16.37
N GLN B 233 -34.32 3.52 -15.65
CA GLN B 233 -33.02 2.95 -15.93
C GLN B 233 -32.99 1.46 -15.69
N LEU B 234 -33.65 1.04 -14.62
CA LEU B 234 -33.68 -0.35 -14.29
C LEU B 234 -34.36 -1.11 -15.38
N LYS B 235 -35.41 -0.53 -15.89
CA LYS B 235 -36.22 -1.16 -16.92
C LYS B 235 -35.50 -1.42 -18.23
N GLN B 236 -34.45 -0.69 -18.50
CA GLN B 236 -33.64 -0.95 -19.68
C GLN B 236 -33.04 -2.31 -19.58
N TYR B 237 -32.63 -2.69 -18.41
CA TYR B 237 -32.07 -3.99 -18.13
C TYR B 237 -33.07 -5.09 -17.74
N GLN B 238 -34.21 -4.70 -17.18
CA GLN B 238 -35.17 -5.63 -16.63
C GLN B 238 -36.56 -5.10 -16.87
N PRO B 239 -37.05 -5.25 -18.08
CA PRO B 239 -38.26 -4.58 -18.52
C PRO B 239 -39.50 -4.99 -17.82
N ASN B 240 -39.64 -6.25 -17.47
CA ASN B 240 -40.91 -6.81 -17.13
C ASN B 240 -41.15 -7.20 -15.70
N ALA B 241 -40.14 -7.19 -14.88
CA ALA B 241 -40.23 -7.59 -13.48
C ALA B 241 -40.75 -6.45 -12.64
N PRO B 242 -41.22 -6.75 -11.43
CA PRO B 242 -41.72 -5.71 -10.55
C PRO B 242 -40.65 -4.72 -10.19
N LEU B 243 -41.05 -3.49 -9.94
CA LEU B 243 -40.13 -2.46 -9.53
C LEU B 243 -40.02 -2.37 -8.00
N MET B 244 -38.80 -2.44 -7.48
CA MET B 244 -38.58 -2.25 -6.05
C MET B 244 -37.35 -1.42 -5.73
N CYS B 245 -37.48 -0.48 -4.82
CA CYS B 245 -36.35 0.25 -4.30
C CYS B 245 -35.97 -0.48 -3.06
N MET B 246 -34.91 -1.25 -3.13
CA MET B 246 -34.40 -1.98 -2.02
C MET B 246 -33.74 -1.16 -0.93
N GLU B 247 -33.29 0.04 -1.24
CA GLU B 247 -32.91 0.98 -0.22
C GLU B 247 -33.42 2.35 -0.62
N PHE B 248 -34.42 2.82 0.07
CA PHE B 248 -34.88 4.17 -0.11
C PHE B 248 -34.21 4.97 0.98
N TRP B 249 -33.20 5.75 0.58
CA TRP B 249 -32.38 6.48 1.52
C TRP B 249 -33.12 7.76 1.87
N HIS B 250 -34.07 7.66 2.77
CA HIS B 250 -34.90 8.80 3.15
C HIS B 250 -34.25 9.66 4.21
N GLY B 251 -33.15 9.16 4.72
CA GLY B 251 -32.27 9.85 5.64
C GLY B 251 -30.80 9.74 5.20
N TRP B 252 -29.88 10.04 6.10
CA TRP B 252 -28.47 9.84 5.85
C TRP B 252 -27.72 9.81 7.14
N PHE B 253 -26.46 9.47 7.06
CA PHE B 253 -25.57 9.31 8.19
C PHE B 253 -24.52 10.42 8.28
N ASP B 254 -23.92 10.49 9.46
CA ASP B 254 -22.95 11.51 9.78
C ASP B 254 -21.49 10.97 9.92
N HIS B 255 -20.53 11.79 9.50
CA HIS B 255 -19.12 11.61 9.84
C HIS B 255 -18.76 12.65 10.91
N TRP B 256 -17.78 12.33 11.74
CA TRP B 256 -17.35 13.27 12.75
C TRP B 256 -16.86 14.54 12.05
N GLY B 257 -17.27 15.67 12.59
CA GLY B 257 -16.98 16.97 12.07
C GLY B 257 -17.99 17.58 11.14
N GLU B 258 -18.91 16.77 10.64
CA GLU B 258 -20.01 17.21 9.79
C GLU B 258 -21.22 17.83 10.53
N GLU B 259 -22.04 18.53 9.78
CA GLU B 259 -23.32 18.95 10.28
C GLU B 259 -24.26 17.74 10.28
N HIS B 260 -25.15 17.63 11.24
CA HIS B 260 -26.09 16.52 11.29
C HIS B 260 -26.94 16.52 10.04
N HIS B 261 -27.03 15.39 9.38
CA HIS B 261 -27.84 15.23 8.18
C HIS B 261 -29.33 14.97 8.49
N THR B 262 -30.18 15.78 7.91
CA THR B 262 -31.57 15.56 7.99
C THR B 262 -32.20 15.78 6.64
N ARG B 263 -33.34 15.15 6.47
CA ARG B 263 -34.16 15.30 5.30
C ARG B 263 -35.60 15.52 5.69
N SER B 264 -36.25 16.51 5.11
CA SER B 264 -37.57 16.84 5.53
C SER B 264 -38.59 15.74 5.22
N ALA B 265 -39.61 15.66 6.04
CA ALA B 265 -40.63 14.68 5.85
C ALA B 265 -41.38 14.88 4.54
N GLU B 266 -41.61 16.12 4.16
CA GLU B 266 -42.23 16.36 2.87
C GLU B 266 -41.37 15.88 1.72
N SER B 267 -40.10 16.05 1.83
CA SER B 267 -39.25 15.52 0.82
C SER B 267 -39.37 13.99 0.76
N VAL B 268 -39.40 13.35 1.89
CA VAL B 268 -39.49 11.94 1.90
C VAL B 268 -40.78 11.47 1.25
N VAL B 269 -41.87 12.11 1.63
CA VAL B 269 -43.18 11.73 1.13
C VAL B 269 -43.21 11.88 -0.38
N GLU B 270 -42.60 12.91 -0.89
CA GLU B 270 -42.62 13.13 -2.30
C GLU B 270 -41.97 12.01 -3.09
N THR B 271 -40.80 11.58 -2.68
CA THR B 271 -40.21 10.42 -3.33
C THR B 271 -40.99 9.14 -3.10
N LEU B 272 -41.50 8.98 -1.89
CA LEU B 272 -42.21 7.77 -1.58
C LEU B 272 -43.41 7.61 -2.48
N GLU B 273 -44.19 8.66 -2.64
CA GLU B 273 -45.35 8.65 -3.51
C GLU B 273 -44.92 8.39 -4.97
N GLU B 274 -43.80 8.94 -5.38
CA GLU B 274 -43.27 8.70 -6.72
C GLU B 274 -42.97 7.21 -6.86
N ILE B 275 -42.40 6.60 -5.85
CA ILE B 275 -42.16 5.18 -5.95
C ILE B 275 -43.44 4.38 -6.04
N LEU B 276 -44.38 4.66 -5.16
CA LEU B 276 -45.62 3.94 -5.07
C LEU B 276 -46.53 4.05 -6.29
N LYS B 277 -46.53 5.23 -6.89
CA LYS B 277 -47.34 5.54 -8.06
C LYS B 277 -46.92 4.70 -9.25
N GLN B 278 -45.75 4.13 -9.18
CA GLN B 278 -45.29 3.27 -10.24
C GLN B 278 -45.54 1.85 -9.97
N ASN B 279 -46.38 1.61 -9.01
CA ASN B 279 -46.60 0.31 -8.52
C ASN B 279 -45.30 -0.28 -7.96
N GLY B 280 -44.43 0.59 -7.49
CA GLY B 280 -43.23 0.19 -6.82
C GLY B 280 -43.44 -0.36 -5.42
N SER B 281 -42.56 -1.25 -5.04
CA SER B 281 -42.36 -1.69 -3.69
C SER B 281 -41.10 -0.95 -3.12
N VAL B 282 -40.99 -0.93 -1.81
CA VAL B 282 -39.99 -0.14 -1.16
C VAL B 282 -39.43 -0.72 0.14
N ASN B 283 -38.15 -0.48 0.38
CA ASN B 283 -37.52 -0.75 1.65
C ASN B 283 -36.83 0.53 2.17
N PHE B 284 -37.40 1.10 3.22
CA PHE B 284 -36.88 2.27 3.83
C PHE B 284 -35.54 1.97 4.48
N TYR B 285 -34.58 2.81 4.17
CA TYR B 285 -33.25 2.72 4.77
C TYR B 285 -32.90 4.04 5.42
N MET B 286 -32.90 4.18 6.73
CA MET B 286 -33.24 3.17 7.74
C MET B 286 -34.61 3.50 8.34
N ALA B 287 -35.41 2.48 8.54
CA ALA B 287 -36.67 2.63 9.26
C ALA B 287 -36.43 2.88 10.73
N HIS B 288 -35.58 2.05 11.29
CA HIS B 288 -34.98 2.26 12.58
C HIS B 288 -33.45 2.11 12.48
N GLY B 289 -32.70 3.17 12.76
CA GLY B 289 -31.26 3.12 12.70
C GLY B 289 -30.46 2.66 13.90
N GLY B 290 -30.78 3.24 15.02
CA GLY B 290 -30.17 2.87 16.26
C GLY B 290 -28.77 3.34 16.44
N THR B 291 -27.93 2.45 16.93
CA THR B 291 -26.63 2.80 17.37
C THR B 291 -25.52 1.89 16.90
N ASN B 292 -24.40 2.52 16.58
CA ASN B 292 -23.15 1.80 16.37
C ASN B 292 -22.43 1.68 17.69
N PHE B 293 -22.76 0.67 18.47
CA PHE B 293 -22.10 0.53 19.74
C PHE B 293 -20.60 0.16 19.59
N GLY B 294 -19.89 0.29 20.69
CA GLY B 294 -18.53 -0.10 20.74
C GLY B 294 -17.72 0.57 19.64
N PHE B 295 -16.89 -0.20 18.98
CA PHE B 295 -15.93 0.24 17.96
C PHE B 295 -16.45 -0.13 16.54
N TYR B 296 -17.73 -0.38 16.44
CA TYR B 296 -18.33 -0.99 15.28
C TYR B 296 -18.67 -0.03 14.13
N ASN B 297 -18.44 1.24 14.33
CA ASN B 297 -18.68 2.20 13.29
C ASN B 297 -17.83 1.96 12.07
N GLY B 298 -18.39 2.33 10.94
CA GLY B 298 -17.74 2.33 9.68
C GLY B 298 -17.01 3.59 9.30
N ALA B 299 -16.55 3.63 8.06
CA ALA B 299 -15.91 4.81 7.52
C ALA B 299 -15.99 4.92 6.00
N ASN B 300 -15.73 6.12 5.51
CA ASN B 300 -15.63 6.38 4.11
C ASN B 300 -14.28 7.06 3.75
N HIS B 301 -14.01 7.12 2.46
CA HIS B 301 -12.86 7.83 1.95
C HIS B 301 -13.32 8.52 0.70
N ASN B 302 -13.04 9.80 0.56
CA ASN B 302 -13.46 10.53 -0.59
C ASN B 302 -12.35 10.65 -1.58
N GLU B 303 -11.36 9.83 -1.44
CA GLU B 303 -10.23 9.83 -2.33
C GLU B 303 -9.19 10.91 -2.01
N THR B 304 -9.52 11.88 -1.18
CA THR B 304 -8.50 12.66 -0.51
C THR B 304 -8.42 12.34 1.01
N ASP B 305 -9.58 12.34 1.65
CA ASP B 305 -9.72 12.17 3.09
C ASP B 305 -10.46 10.91 3.59
N TYR B 306 -9.92 10.29 4.63
CA TYR B 306 -10.61 9.31 5.46
C TYR B 306 -11.68 9.95 6.33
N GLN B 307 -12.88 9.39 6.39
CA GLN B 307 -14.00 9.96 7.10
C GLN B 307 -14.74 8.95 7.97
N PRO B 308 -14.53 9.01 9.27
CA PRO B 308 -15.13 8.05 10.19
C PRO B 308 -16.55 8.42 10.48
N THR B 309 -17.41 7.44 10.40
CA THR B 309 -18.81 7.56 10.73
C THR B 309 -19.00 7.62 12.25
N ILE B 310 -19.96 8.41 12.70
CA ILE B 310 -20.17 8.62 14.11
C ILE B 310 -20.85 7.44 14.82
N THR B 311 -20.94 7.53 16.15
CA THR B 311 -21.53 6.50 16.94
C THR B 311 -23.02 6.33 16.71
N SER B 312 -23.78 7.40 16.79
CA SER B 312 -25.19 7.36 16.51
C SER B 312 -25.49 6.91 15.08
N TYR B 313 -26.50 6.04 14.95
CA TYR B 313 -27.03 5.65 13.64
C TYR B 313 -28.50 6.06 13.50
N ASP B 314 -28.83 7.20 14.04
CA ASP B 314 -30.21 7.65 14.12
C ASP B 314 -30.80 7.70 12.70
N TYR B 315 -29.95 8.25 11.83
CA TYR B 315 -30.06 8.23 10.39
C TYR B 315 -31.16 9.16 9.89
N ASP B 316 -31.67 10.00 10.78
CA ASP B 316 -32.90 10.73 10.59
C ASP B 316 -33.99 9.71 10.22
N GLY B 317 -34.00 8.59 10.91
CA GLY B 317 -34.87 7.46 10.60
C GLY B 317 -36.28 7.75 11.00
N LEU B 318 -37.17 6.82 10.68
CA LEU B 318 -38.56 6.89 11.06
C LEU B 318 -38.66 6.85 12.60
N LEU B 319 -37.79 6.10 13.24
CA LEU B 319 -37.68 6.13 14.71
C LEU B 319 -36.32 6.73 15.02
N THR B 320 -36.22 7.45 16.12
CA THR B 320 -34.96 8.06 16.50
C THR B 320 -34.01 6.98 16.99
N GLU B 321 -32.81 7.37 17.33
CA GLU B 321 -31.82 6.40 17.74
C GLU B 321 -32.34 5.62 18.95
N SER B 322 -33.06 6.29 19.82
CA SER B 322 -33.58 5.61 20.99
C SER B 322 -34.99 5.04 20.76
N GLY B 323 -35.46 4.99 19.54
CA GLY B 323 -36.74 4.37 19.23
C GLY B 323 -38.02 5.21 19.27
N ASP B 324 -37.88 6.50 19.44
CA ASP B 324 -39.04 7.39 19.47
C ASP B 324 -39.68 7.57 18.10
N VAL B 325 -41.00 7.65 18.02
CA VAL B 325 -41.62 7.98 16.77
C VAL B 325 -41.34 9.44 16.41
N THR B 326 -41.41 9.76 15.14
CA THR B 326 -40.95 11.04 14.60
C THR B 326 -42.02 11.64 13.70
N GLU B 327 -41.88 12.87 13.28
CA GLU B 327 -42.83 13.43 12.33
C GLU B 327 -42.85 12.60 11.05
N LYS B 328 -41.68 12.10 10.68
CA LYS B 328 -41.53 11.29 9.50
C LYS B 328 -42.34 10.04 9.60
N PHE B 329 -42.37 9.45 10.77
CA PHE B 329 -43.12 8.22 10.95
C PHE B 329 -44.59 8.45 10.63
N TYR B 330 -45.14 9.50 11.18
CA TYR B 330 -46.54 9.83 10.95
C TYR B 330 -46.80 10.14 9.48
N ALA B 331 -45.87 10.83 8.83
CA ALA B 331 -46.03 11.19 7.47
C ALA B 331 -46.05 9.99 6.60
N VAL B 332 -45.16 9.06 6.85
CA VAL B 332 -45.18 7.82 6.12
C VAL B 332 -46.46 6.98 6.37
N ARG B 333 -46.90 6.92 7.59
CA ARG B 333 -48.12 6.20 7.93
C ARG B 333 -49.30 6.78 7.17
N LYS B 334 -49.29 8.09 7.02
CA LYS B 334 -50.35 8.75 6.29
C LYS B 334 -50.38 8.32 4.84
N VAL B 335 -49.23 8.25 4.24
CA VAL B 335 -49.15 7.72 2.90
C VAL B 335 -49.56 6.27 2.86
N PHE B 336 -49.08 5.47 3.77
CA PHE B 336 -49.36 4.06 3.67
C PHE B 336 -50.87 3.77 3.77
N GLU B 337 -51.59 4.61 4.49
CA GLU B 337 -53.01 4.46 4.74
C GLU B 337 -53.82 4.53 3.47
N LYS B 338 -53.31 5.26 2.54
CA LYS B 338 -53.79 5.37 1.19
C LYS B 338 -53.68 4.09 0.40
N TYR B 339 -52.69 3.29 0.69
CA TYR B 339 -52.41 2.06 -0.03
C TYR B 339 -52.77 0.76 0.65
N VAL B 340 -52.92 0.77 1.95
CA VAL B 340 -53.35 -0.40 2.64
C VAL B 340 -54.41 -0.06 3.66
N ASP B 341 -55.33 -0.96 3.90
CA ASP B 341 -56.35 -0.63 4.83
C ASP B 341 -55.84 -1.03 6.21
N LEU B 342 -55.37 -0.07 6.96
CA LEU B 342 -54.73 -0.29 8.23
C LEU B 342 -55.65 -0.16 9.46
N PRO B 343 -55.36 -0.90 10.48
CA PRO B 343 -56.07 -0.72 11.74
C PRO B 343 -55.65 0.59 12.36
N GLU B 344 -56.38 0.99 13.37
CA GLU B 344 -56.13 2.18 14.10
C GLU B 344 -54.75 2.12 14.67
N LEU B 345 -54.05 3.24 14.64
CA LEU B 345 -52.69 3.22 15.12
C LEU B 345 -52.72 2.91 16.58
N ASN B 346 -51.95 1.91 16.95
CA ASN B 346 -51.73 1.63 18.32
C ASN B 346 -50.28 1.42 18.56
N LEU B 347 -49.69 2.32 19.31
CA LEU B 347 -48.29 2.23 19.63
C LEU B 347 -48.07 1.70 21.04
N PRO B 348 -46.92 1.11 21.25
CA PRO B 348 -46.58 0.67 22.58
C PRO B 348 -46.47 1.90 23.49
N ALA B 349 -46.55 1.68 24.79
CA ALA B 349 -46.32 2.74 25.72
C ALA B 349 -44.91 3.30 25.52
N PRO B 350 -44.77 4.61 25.56
CA PRO B 350 -43.45 5.19 25.34
C PRO B 350 -42.45 4.74 26.38
N ILE B 351 -41.22 4.48 25.97
CA ILE B 351 -40.21 3.96 26.89
C ILE B 351 -39.64 5.14 27.62
N PRO B 352 -39.69 5.11 28.93
CA PRO B 352 -39.26 6.26 29.72
C PRO B 352 -37.78 6.63 29.60
N LYS B 353 -37.47 7.91 29.61
CA LYS B 353 -36.12 8.46 29.63
C LYS B 353 -35.95 9.29 30.86
N ARG B 354 -34.79 9.25 31.45
CA ARG B 354 -34.54 9.92 32.68
C ARG B 354 -33.30 10.80 32.67
N LEU B 355 -33.41 11.87 33.42
CA LEU B 355 -32.31 12.68 33.80
C LEU B 355 -31.78 12.09 35.09
N PHE B 356 -30.67 11.40 35.06
CA PHE B 356 -30.12 10.88 36.26
C PHE B 356 -29.17 11.83 36.98
N GLY B 357 -28.72 12.87 36.32
CA GLY B 357 -27.84 13.82 36.91
C GLY B 357 -26.36 13.53 36.85
N LYS B 358 -25.63 14.23 37.69
CA LYS B 358 -24.20 14.30 37.57
C LYS B 358 -23.46 13.17 38.19
N VAL B 359 -22.39 12.74 37.54
CA VAL B 359 -21.51 11.75 38.08
C VAL B 359 -20.10 12.33 38.14
N LYS B 360 -19.54 12.35 39.34
CA LYS B 360 -18.20 12.83 39.56
C LYS B 360 -17.25 11.70 39.49
N PHE B 361 -16.15 11.90 38.79
CA PHE B 361 -15.14 10.88 38.67
C PHE B 361 -14.14 11.06 39.81
N THR B 362 -14.10 10.09 40.68
CA THR B 362 -13.28 10.15 41.86
C THR B 362 -11.98 9.38 41.77
N GLU B 363 -11.79 8.60 40.72
CA GLU B 363 -10.61 7.79 40.56
C GLU B 363 -10.21 7.79 39.09
N HIS B 364 -8.93 7.60 38.81
CA HIS B 364 -8.42 7.65 37.45
C HIS B 364 -7.27 6.69 37.28
N ALA B 365 -6.98 6.30 36.04
CA ALA B 365 -5.81 5.52 35.72
C ALA B 365 -5.25 5.92 34.36
N GLY B 366 -3.97 6.22 34.29
CA GLY B 366 -3.38 6.53 33.00
C GLY B 366 -3.24 5.34 32.10
N LEU B 367 -3.53 5.52 30.84
CA LEU B 367 -3.42 4.43 29.91
C LEU B 367 -2.01 3.91 29.81
N LEU B 368 -1.04 4.80 29.72
CA LEU B 368 0.32 4.35 29.51
C LEU B 368 0.83 3.61 30.74
N ASP B 369 0.19 3.89 31.86
CA ASP B 369 0.48 3.28 33.15
C ASP B 369 -0.23 1.96 33.34
N SER B 370 -1.09 1.58 32.44
CA SER B 370 -1.92 0.38 32.58
C SER B 370 -1.62 -0.78 31.63
N LEU B 371 -0.56 -0.63 30.85
CA LEU B 371 -0.28 -1.55 29.77
C LEU B 371 -0.05 -2.95 30.26
N HIS B 372 0.30 -3.09 31.53
CA HIS B 372 0.57 -4.39 32.12
C HIS B 372 -0.63 -4.92 32.90
N ARG B 373 -1.81 -4.38 32.60
CA ARG B 373 -3.03 -4.81 33.26
C ARG B 373 -4.14 -5.07 32.25
N ILE B 374 -4.16 -4.27 31.20
CA ILE B 374 -5.15 -4.40 30.16
C ILE B 374 -4.59 -4.74 28.79
N SER B 375 -3.36 -5.24 28.71
CA SER B 375 -2.81 -5.67 27.46
C SER B 375 -1.78 -6.74 27.70
N THR B 376 -1.41 -7.42 26.63
CA THR B 376 -0.36 -8.39 26.58
C THR B 376 0.57 -7.97 25.47
N PRO B 377 1.82 -7.75 25.78
CA PRO B 377 2.76 -7.30 24.79
C PRO B 377 3.06 -8.37 23.76
N GLN B 378 3.29 -7.92 22.54
CA GLN B 378 3.86 -8.71 21.50
C GLN B 378 5.05 -7.93 20.91
N LYS B 379 6.01 -8.65 20.38
CA LYS B 379 7.21 -8.05 19.84
C LYS B 379 7.36 -8.32 18.35
N SER B 380 7.89 -7.37 17.61
CA SER B 380 8.19 -7.59 16.22
C SER B 380 9.35 -6.72 15.74
N GLU B 381 10.09 -7.15 14.75
CA GLU B 381 11.19 -6.35 14.21
C GLU B 381 10.75 -5.05 13.59
N ALA B 382 9.65 -5.11 12.86
CA ALA B 382 9.04 -3.93 12.25
C ALA B 382 7.63 -3.78 12.77
N PRO B 383 7.12 -2.58 12.80
CA PRO B 383 5.74 -2.39 13.16
C PRO B 383 4.85 -2.99 12.11
N LEU B 384 3.83 -3.69 12.56
CA LEU B 384 2.87 -4.32 11.73
C LEU B 384 1.52 -3.69 12.11
N PRO B 385 0.55 -3.74 11.24
CA PRO B 385 -0.79 -3.24 11.53
C PRO B 385 -1.48 -4.16 12.54
N MET B 386 -2.49 -3.66 13.23
CA MET B 386 -2.98 -4.31 14.40
C MET B 386 -3.45 -5.70 14.08
N GLU B 387 -3.89 -5.89 12.85
CA GLU B 387 -4.46 -7.15 12.45
C GLU B 387 -3.41 -8.27 12.57
N LYS B 388 -2.16 -7.96 12.32
CA LYS B 388 -1.10 -8.92 12.34
C LYS B 388 -0.87 -9.38 13.77
N TYR B 389 -1.30 -8.57 14.71
CA TYR B 389 -1.15 -8.88 16.11
C TYR B 389 -2.41 -9.56 16.68
N GLY B 390 -3.33 -9.89 15.80
CA GLY B 390 -4.57 -10.46 16.19
C GLY B 390 -5.64 -9.55 16.80
N GLN B 391 -5.55 -8.27 16.50
CA GLN B 391 -6.50 -7.31 17.05
C GLN B 391 -7.45 -6.67 16.04
N ALA B 392 -8.72 -6.82 16.28
CA ALA B 392 -9.71 -6.19 15.42
C ALA B 392 -9.97 -4.73 15.67
N TYR B 393 -10.24 -4.39 16.91
CA TYR B 393 -10.69 -3.06 17.25
C TYR B 393 -9.97 -2.46 18.43
N GLY B 394 -10.00 -1.14 18.53
CA GLY B 394 -9.39 -0.48 19.65
C GLY B 394 -8.25 0.47 19.40
N PHE B 395 -7.38 0.56 20.39
CA PHE B 395 -6.18 1.37 20.36
C PHE B 395 -5.04 0.36 20.43
N ILE B 396 -3.86 0.73 20.01
CA ILE B 396 -2.68 -0.08 20.16
C ILE B 396 -1.53 0.84 20.42
N VAL B 397 -0.62 0.45 21.29
CA VAL B 397 0.53 1.25 21.58
C VAL B 397 1.77 0.58 20.97
N TYR B 398 2.50 1.34 20.20
CA TYR B 398 3.69 0.86 19.55
C TYR B 398 4.84 1.53 20.28
N GLU B 399 5.88 0.78 20.64
CA GLU B 399 6.90 1.30 21.49
C GLU B 399 8.27 0.81 21.03
N THR B 400 9.26 1.68 21.00
CA THR B 400 10.61 1.33 20.61
C THR B 400 11.59 2.22 21.34
N THR B 401 12.82 1.77 21.46
CA THR B 401 13.82 2.61 22.04
C THR B 401 14.85 3.00 21.00
N ILE B 402 15.19 4.26 20.95
CA ILE B 402 16.15 4.78 20.02
C ILE B 402 17.44 4.98 20.79
N LYS B 403 18.50 4.38 20.29
CA LYS B 403 19.79 4.49 20.93
C LYS B 403 20.64 5.54 20.25
N GLY B 404 21.10 6.51 20.99
CA GLY B 404 21.92 7.55 20.45
C GLY B 404 21.22 8.85 20.41
N ALA B 405 21.94 9.94 20.50
CA ALA B 405 21.30 11.22 20.45
C ALA B 405 21.29 11.70 19.02
N TYR B 406 20.13 11.77 18.41
CA TYR B 406 19.99 12.16 17.03
C TYR B 406 19.75 13.65 16.86
N GLY B 407 19.52 14.37 17.93
CA GLY B 407 19.17 15.77 17.78
C GLY B 407 17.77 15.90 17.19
N LYS B 408 17.40 17.03 16.61
CA LYS B 408 16.10 17.22 16.07
C LYS B 408 15.87 16.39 14.82
N GLN B 409 14.78 15.65 14.76
CA GLN B 409 14.42 14.83 13.61
C GLN B 409 12.94 14.98 13.25
N ALA B 410 12.63 14.81 11.97
CA ALA B 410 11.28 14.75 11.52
C ALA B 410 10.81 13.34 11.63
N LEU B 411 9.76 13.14 12.39
CA LEU B 411 9.19 11.83 12.55
C LEU B 411 8.08 11.60 11.55
N THR B 412 8.13 10.52 10.83
CA THR B 412 7.07 10.15 9.93
C THR B 412 6.49 8.80 10.29
N VAL B 413 5.20 8.75 10.30
CA VAL B 413 4.55 7.47 10.49
C VAL B 413 3.95 7.02 9.17
N GLN B 414 4.39 5.88 8.68
CA GLN B 414 4.11 5.44 7.34
C GLN B 414 3.38 4.11 7.32
N ASP B 415 2.08 4.14 7.22
CA ASP B 415 1.20 5.29 7.38
C ASP B 415 0.39 5.18 8.65
N ILE B 416 -0.17 6.28 9.14
CA ILE B 416 -0.96 6.21 10.34
C ILE B 416 -2.44 5.95 10.01
N HIS B 417 -2.97 4.83 10.48
CA HIS B 417 -4.34 4.49 10.26
C HIS B 417 -5.04 4.24 11.61
N ASP B 418 -5.66 5.23 12.24
CA ASP B 418 -5.94 6.51 11.65
C ASP B 418 -5.51 7.76 12.39
N ARG B 419 -5.17 7.63 13.65
CA ARG B 419 -4.77 8.77 14.45
C ARG B 419 -3.81 8.28 15.53
N GLY B 420 -2.86 9.11 15.90
CA GLY B 420 -1.90 8.70 16.90
C GLY B 420 -1.42 9.81 17.81
N GLN B 421 -1.14 9.47 19.04
CA GLN B 421 -0.54 10.36 20.00
C GLN B 421 0.84 9.86 20.27
N VAL B 422 1.78 10.79 20.28
CA VAL B 422 3.19 10.51 20.25
C VAL B 422 3.90 11.05 21.50
N TYR B 423 4.70 10.21 22.13
CA TYR B 423 5.41 10.47 23.38
C TYR B 423 6.86 10.14 23.20
N VAL B 424 7.76 11.00 23.67
CA VAL B 424 9.16 10.65 23.74
C VAL B 424 9.60 10.79 25.19
N ASN B 425 10.11 9.73 25.74
CA ASN B 425 10.61 9.71 27.11
C ASN B 425 9.54 10.16 28.10
N GLY B 426 8.31 9.77 27.86
CA GLY B 426 7.24 10.12 28.75
C GLY B 426 6.70 11.51 28.58
N GLU B 427 7.13 12.22 27.56
CA GLU B 427 6.62 13.53 27.31
C GLU B 427 5.87 13.60 25.99
N TYR B 428 4.74 14.25 26.02
CA TYR B 428 3.92 14.38 24.87
C TYR B 428 4.56 15.23 23.80
N VAL B 429 4.59 14.75 22.57
CA VAL B 429 5.05 15.61 21.51
C VAL B 429 4.00 16.12 20.54
N GLY B 430 3.05 15.29 20.19
CA GLY B 430 1.99 15.72 19.31
C GLY B 430 1.09 14.62 18.78
N ILE B 431 0.24 14.97 17.85
CA ILE B 431 -0.69 14.10 17.18
C ILE B 431 -0.23 13.89 15.73
N VAL B 432 -0.38 12.68 15.22
CA VAL B 432 -0.25 12.40 13.80
C VAL B 432 -1.58 11.87 13.34
N GLU B 433 -2.02 12.22 12.14
CA GLU B 433 -3.33 11.86 11.64
C GLU B 433 -3.26 11.47 10.18
N ARG B 434 -4.20 10.66 9.80
CA ARG B 434 -4.23 10.08 8.49
C ARG B 434 -4.34 11.14 7.39
N ASN B 435 -5.16 12.12 7.64
CA ASN B 435 -5.48 13.20 6.74
C ASN B 435 -4.57 14.42 6.80
N ARG B 436 -4.81 15.28 5.85
CA ARG B 436 -3.91 15.41 4.78
C ARG B 436 -2.81 16.39 5.19
N GLY B 437 -1.58 15.98 4.96
CA GLY B 437 -0.35 16.58 5.44
C GLY B 437 -0.10 16.34 6.91
N CYS B 438 -0.54 15.25 7.37
CA CYS B 438 -0.42 15.24 8.81
C CYS B 438 0.26 14.10 9.60
N SER B 439 1.20 13.45 9.00
CA SER B 439 1.82 12.20 9.44
C SER B 439 3.21 12.30 10.06
N ARG B 440 3.63 13.55 10.23
CA ARG B 440 4.96 14.05 10.60
C ARG B 440 5.01 15.08 11.74
N LEU B 441 5.94 14.93 12.66
CA LEU B 441 6.20 15.92 13.72
C LEU B 441 7.71 16.06 13.91
N VAL B 442 8.16 17.08 14.62
CA VAL B 442 9.56 17.20 14.99
C VAL B 442 9.75 16.67 16.40
N VAL B 443 10.64 15.71 16.56
CA VAL B 443 11.01 15.18 17.84
C VAL B 443 12.46 15.57 18.17
N GLU B 444 12.76 15.81 19.42
CA GLU B 444 14.07 16.25 19.82
C GLU B 444 14.78 15.15 20.57
N LEU B 445 15.68 14.46 19.96
CA LEU B 445 16.28 13.35 20.63
C LEU B 445 17.65 13.67 21.21
N THR B 446 17.65 14.22 22.41
CA THR B 446 18.83 14.73 23.05
C THR B 446 19.47 13.83 24.07
N GLU B 447 18.72 12.90 24.62
CA GLU B 447 19.22 11.94 25.55
C GLU B 447 20.00 10.82 24.88
N GLU B 448 20.73 10.05 25.63
CA GLU B 448 21.45 8.89 25.10
C GLU B 448 20.47 7.87 24.59
N GLU B 449 19.27 7.68 25.23
CA GLU B 449 18.19 6.90 24.73
C GLU B 449 16.90 7.70 24.88
N SER B 450 16.08 7.26 23.90
CA SER B 450 14.73 7.78 23.87
C SER B 450 13.69 6.70 23.69
N LYS B 451 12.73 6.62 24.59
CA LYS B 451 11.67 5.69 24.42
C LYS B 451 10.56 6.37 23.64
N LEU B 452 10.21 5.79 22.51
CA LEU B 452 9.16 6.28 21.67
C LEU B 452 7.91 5.40 21.81
N GLN B 453 6.80 6.08 22.02
CA GLN B 453 5.52 5.45 22.15
C GLN B 453 4.51 6.16 21.29
N ILE B 454 3.73 5.39 20.57
CA ILE B 454 2.68 5.97 19.78
C ILE B 454 1.38 5.24 20.08
N ILE B 455 0.39 5.99 20.51
CA ILE B 455 -0.87 5.42 20.82
C ILE B 455 -1.78 5.67 19.65
N VAL B 456 -2.17 4.60 19.01
CA VAL B 456 -2.90 4.65 17.77
C VAL B 456 -4.33 4.15 17.93
N GLU B 457 -5.26 4.87 17.32
CA GLU B 457 -6.67 4.53 17.31
C GLU B 457 -7.11 4.01 15.93
N ASN B 458 -7.76 2.86 15.92
CA ASN B 458 -8.45 2.38 14.77
C ASN B 458 -9.78 3.12 14.87
N MET B 459 -9.99 4.07 13.98
CA MET B 459 -11.17 4.95 13.99
C MET B 459 -12.36 4.35 13.22
N GLY B 460 -12.11 3.19 12.70
CA GLY B 460 -13.09 2.43 11.96
C GLY B 460 -12.69 2.08 10.53
N ARG B 461 -12.79 0.81 10.19
CA ARG B 461 -12.42 0.37 8.87
C ARG B 461 -13.45 0.78 7.83
N ILE B 462 -12.93 1.25 6.70
CA ILE B 462 -13.67 1.75 5.58
C ILE B 462 -14.59 0.68 5.07
N ASN B 463 -15.82 1.10 4.80
CA ASN B 463 -16.90 0.21 4.39
C ASN B 463 -17.43 0.35 2.97
N TYR B 464 -16.81 1.23 2.21
CA TYR B 464 -17.22 1.49 0.85
C TYR B 464 -16.06 2.04 0.04
N GLY B 465 -16.04 1.73 -1.23
CA GLY B 465 -15.05 2.25 -2.12
C GLY B 465 -13.83 1.37 -2.26
N PRO B 466 -12.91 1.86 -3.05
CA PRO B 466 -11.74 1.15 -3.50
C PRO B 466 -10.63 1.06 -2.43
N PHE B 467 -10.85 1.70 -1.31
CA PHE B 467 -9.89 1.75 -0.25
C PHE B 467 -10.21 0.84 0.94
N VAL B 468 -11.07 -0.11 0.66
CA VAL B 468 -11.60 -0.98 1.64
C VAL B 468 -10.52 -1.89 2.24
N VAL B 469 -9.39 -2.08 1.57
CA VAL B 469 -8.35 -2.89 2.19
C VAL B 469 -7.60 -1.99 3.18
N ASP B 470 -8.15 -1.89 4.39
CA ASP B 470 -7.87 -0.82 5.32
C ASP B 470 -7.24 -1.43 6.57
N TYR B 471 -5.94 -1.67 6.50
CA TYR B 471 -5.18 -2.07 7.65
C TYR B 471 -5.14 -0.97 8.66
N LYS B 472 -5.18 -1.32 9.93
CA LYS B 472 -5.18 -0.28 10.93
C LYS B 472 -3.98 -0.35 11.86
N GLY B 473 -3.63 0.74 12.48
CA GLY B 473 -2.43 0.83 13.23
C GLY B 473 -1.40 1.60 12.46
N ILE B 474 -0.21 1.04 12.38
CA ILE B 474 0.85 1.58 11.56
C ILE B 474 1.14 0.58 10.46
N THR B 475 0.94 0.99 9.22
CA THR B 475 0.98 0.06 8.12
C THR B 475 2.31 -0.52 7.68
N GLU B 476 3.31 0.33 7.64
CA GLU B 476 4.65 -0.04 7.18
C GLU B 476 5.83 0.23 8.11
N GLY B 477 5.95 1.41 8.65
CA GLY B 477 7.07 1.76 9.48
C GLY B 477 6.96 3.07 10.18
N VAL B 478 7.92 3.37 11.02
CA VAL B 478 8.04 4.67 11.60
C VAL B 478 9.47 5.10 11.35
N ARG B 479 9.67 6.31 10.91
CA ARG B 479 11.00 6.75 10.60
C ARG B 479 11.37 8.11 11.09
N LEU B 480 12.65 8.25 11.33
CA LEU B 480 13.24 9.52 11.67
C LEU B 480 14.02 9.96 10.46
N GLY B 481 13.57 11.00 9.83
CA GLY B 481 14.07 11.31 8.51
C GLY B 481 13.75 10.14 7.61
N ASN B 482 14.78 9.56 7.01
CA ASN B 482 14.61 8.34 6.21
C ASN B 482 14.82 7.07 6.97
N GLN B 483 15.22 7.17 8.22
CA GLN B 483 15.64 6.00 8.93
C GLN B 483 14.44 5.35 9.63
N PHE B 484 14.08 4.19 9.17
CA PHE B 484 13.13 3.36 9.86
C PHE B 484 13.64 2.92 11.22
N LEU B 485 12.74 2.84 12.19
CA LEU B 485 13.10 2.33 13.50
C LEU B 485 12.66 0.89 13.61
N PHE B 486 13.51 0.06 14.15
CA PHE B 486 13.20 -1.34 14.31
C PHE B 486 13.24 -1.81 15.80
N ASP B 487 12.63 -2.95 16.08
CA ASP B 487 12.57 -3.53 17.42
C ASP B 487 11.49 -2.85 18.22
N TRP B 488 10.26 -3.05 17.80
CA TRP B 488 9.10 -2.93 18.60
C TRP B 488 8.47 -3.86 19.63
N THR B 489 7.77 -3.23 20.55
CA THR B 489 6.89 -3.88 21.49
C THR B 489 5.58 -3.20 21.33
N VAL B 490 4.53 -3.98 21.16
CA VAL B 490 3.22 -3.42 20.94
C VAL B 490 2.21 -3.95 21.96
N TYR B 491 1.27 -3.11 22.32
CA TYR B 491 0.29 -3.44 23.31
C TYR B 491 -1.12 -3.22 22.74
N PRO B 492 -1.73 -4.28 22.29
CA PRO B 492 -3.06 -4.17 21.75
C PRO B 492 -4.06 -3.84 22.86
N LEU B 493 -4.97 -2.93 22.59
CA LEU B 493 -5.92 -2.44 23.55
C LEU B 493 -7.35 -2.44 23.00
N PRO B 494 -7.93 -3.60 22.93
CA PRO B 494 -9.31 -3.78 22.52
C PRO B 494 -10.35 -3.30 23.57
N LEU B 495 -9.89 -3.10 24.78
CA LEU B 495 -10.65 -2.61 25.90
C LEU B 495 -11.86 -3.49 26.20
N LYS B 496 -11.75 -4.80 26.03
CA LYS B 496 -12.81 -5.72 26.37
C LYS B 496 -13.05 -5.90 27.88
N ASP B 497 -12.00 -5.83 28.67
CA ASP B 497 -12.11 -6.09 30.10
C ASP B 497 -11.24 -5.15 30.91
N LEU B 498 -11.82 -4.16 31.55
CA LEU B 498 -11.10 -3.16 32.27
C LEU B 498 -11.13 -3.45 33.76
N SER B 499 -11.55 -4.62 34.15
CA SER B 499 -11.66 -4.92 35.56
C SER B 499 -10.31 -4.86 36.30
N SER B 500 -9.21 -5.05 35.58
CA SER B 500 -7.93 -5.08 36.22
C SER B 500 -7.26 -3.72 36.33
N LEU B 501 -7.95 -2.69 35.93
CA LEU B 501 -7.34 -1.40 36.00
C LEU B 501 -7.06 -1.07 37.45
N GLU B 502 -6.06 -0.25 37.70
CA GLU B 502 -5.78 0.19 39.03
C GLU B 502 -6.00 1.66 39.14
N PHE B 503 -7.14 2.05 39.67
CA PHE B 503 -7.55 3.44 39.75
C PHE B 503 -7.00 4.18 40.97
N THR B 504 -6.74 5.46 40.83
CA THR B 504 -6.03 6.22 41.82
C THR B 504 -6.55 7.63 41.93
N ALA B 505 -6.32 8.25 43.07
CA ALA B 505 -6.78 9.60 43.28
C ALA B 505 -5.73 10.56 42.77
N ASP B 506 -4.65 10.01 42.26
CA ASP B 506 -3.57 10.87 41.79
C ASP B 506 -4.00 11.74 40.61
N GLU B 507 -3.34 12.88 40.44
CA GLU B 507 -3.69 13.81 39.39
C GLU B 507 -3.35 13.32 37.97
N VAL B 508 -4.12 13.81 37.01
CA VAL B 508 -4.02 13.34 35.64
C VAL B 508 -3.26 14.37 34.82
N LYS B 509 -2.90 14.00 33.60
CA LYS B 509 -2.17 14.89 32.76
C LYS B 509 -2.85 15.18 31.45
N GLU B 510 -2.89 16.43 31.05
CA GLU B 510 -3.40 16.75 29.77
C GLU B 510 -2.55 16.12 28.67
N ASN B 511 -3.23 15.74 27.61
CA ASN B 511 -2.68 15.12 26.43
C ASN B 511 -2.19 13.71 26.62
N PHE B 512 -2.53 13.11 27.75
CA PHE B 512 -2.28 11.70 28.00
C PHE B 512 -3.61 11.01 28.25
N PRO B 513 -3.87 9.88 27.66
CA PRO B 513 -5.18 9.27 27.91
C PRO B 513 -5.32 8.76 29.35
N TYR B 514 -6.44 9.04 29.98
CA TYR B 514 -6.77 8.46 31.28
C TYR B 514 -8.14 7.83 31.28
N PHE B 515 -8.29 6.71 31.95
CA PHE B 515 -9.58 6.19 32.34
C PHE B 515 -10.07 6.93 33.61
N HIS B 516 -11.32 7.34 33.61
CA HIS B 516 -11.93 7.96 34.74
C HIS B 516 -13.10 7.11 35.22
N LYS B 517 -13.19 6.91 36.52
CA LYS B 517 -14.28 6.10 37.04
C LYS B 517 -15.17 6.79 38.07
N GLY B 518 -16.45 6.51 38.00
CA GLY B 518 -17.49 7.13 38.81
C GLY B 518 -18.66 6.16 39.04
N ILE B 519 -19.55 6.51 39.95
CA ILE B 519 -20.74 5.73 40.23
C ILE B 519 -21.98 6.51 39.90
N LEU B 520 -22.87 5.88 39.15
CA LEU B 520 -24.18 6.40 38.90
C LEU B 520 -25.14 5.54 39.69
N THR B 521 -25.94 6.21 40.49
CA THR B 521 -26.85 5.53 41.35
C THR B 521 -28.20 5.64 40.74
N VAL B 522 -28.87 4.53 40.56
CA VAL B 522 -30.13 4.47 39.82
C VAL B 522 -31.24 3.86 40.65
N ASP B 523 -32.31 4.58 40.86
CA ASP B 523 -33.46 4.03 41.54
C ASP B 523 -34.18 2.99 40.75
N LYS B 524 -34.47 3.32 39.50
CA LYS B 524 -34.95 2.37 38.54
C LYS B 524 -34.36 2.67 37.15
N ALA B 525 -33.90 1.64 36.45
CA ALA B 525 -33.27 1.82 35.14
C ALA B 525 -34.23 2.40 34.13
N ALA B 526 -33.71 3.28 33.27
CA ALA B 526 -34.46 3.97 32.27
C ALA B 526 -33.48 4.38 31.19
N ASP B 527 -33.93 4.66 29.99
CA ASP B 527 -33.06 5.18 28.97
C ASP B 527 -32.54 6.54 29.39
N THR B 528 -31.32 6.82 29.02
CA THR B 528 -30.72 8.09 29.37
C THR B 528 -29.59 8.44 28.40
N PHE B 529 -29.07 9.64 28.47
CA PHE B 529 -28.04 10.07 27.55
C PHE B 529 -26.87 10.75 28.27
N ILE B 530 -25.63 10.39 27.95
CA ILE B 530 -24.56 11.04 28.61
C ILE B 530 -24.09 12.25 27.85
N ASP B 531 -24.07 13.40 28.51
CA ASP B 531 -23.63 14.61 27.83
C ASP B 531 -22.14 14.72 27.94
N LEU B 532 -21.51 14.58 26.81
CA LEU B 532 -20.07 14.57 26.76
C LEU B 532 -19.43 15.87 26.19
N SER B 533 -20.21 16.93 26.13
CA SER B 533 -19.84 18.11 25.45
C SER B 533 -18.61 18.78 26.07
N GLU B 534 -18.45 18.60 27.36
CA GLU B 534 -17.35 19.20 28.09
C GLU B 534 -16.00 18.55 27.77
N TRP B 535 -16.04 17.34 27.29
CA TRP B 535 -14.87 16.55 27.11
C TRP B 535 -14.41 16.65 25.66
N THR B 536 -13.31 15.98 25.32
CA THR B 536 -12.73 16.16 24.00
C THR B 536 -12.79 14.98 23.04
N LYS B 537 -12.18 13.88 23.40
CA LYS B 537 -12.27 12.72 22.55
C LYS B 537 -12.08 11.49 23.39
N GLY B 538 -12.82 10.44 23.11
CA GLY B 538 -12.76 9.25 23.91
C GLY B 538 -13.84 8.20 23.73
N VAL B 539 -13.99 7.36 24.73
CA VAL B 539 -14.96 6.28 24.73
C VAL B 539 -15.54 6.15 26.15
N VAL B 540 -16.73 5.61 26.27
CA VAL B 540 -17.39 5.40 27.55
C VAL B 540 -17.97 3.98 27.71
N PHE B 541 -17.88 3.45 28.91
CA PHE B 541 -18.39 2.15 29.25
C PHE B 541 -19.37 2.31 30.43
N VAL B 542 -20.51 1.64 30.34
CA VAL B 542 -21.45 1.55 31.40
C VAL B 542 -21.65 0.12 31.82
N ASN B 543 -21.20 -0.20 33.02
CA ASN B 543 -21.24 -1.52 33.57
C ASN B 543 -20.57 -2.48 32.62
N GLY B 544 -19.51 -2.03 32.03
CA GLY B 544 -18.77 -2.82 31.11
C GLY B 544 -19.28 -2.79 29.68
N HIS B 545 -20.38 -2.10 29.41
CA HIS B 545 -20.91 -2.02 28.07
C HIS B 545 -20.31 -0.84 27.35
N HIS B 546 -19.66 -1.09 26.23
CA HIS B 546 -19.01 -0.04 25.50
C HIS B 546 -20.02 0.73 24.66
N LEU B 547 -20.32 1.96 25.05
CA LEU B 547 -21.32 2.78 24.38
C LEU B 547 -21.00 3.25 22.98
N GLY B 548 -19.71 3.39 22.73
CA GLY B 548 -19.20 4.03 21.54
C GLY B 548 -18.24 5.16 21.84
N ARG B 549 -17.96 5.95 20.82
CA ARG B 549 -17.05 7.06 20.84
C ARG B 549 -17.73 8.39 20.97
N TYR B 550 -17.01 9.36 21.51
CA TYR B 550 -17.46 10.73 21.55
C TYR B 550 -16.30 11.60 21.06
N TRP B 551 -16.65 12.76 20.53
CA TRP B 551 -15.70 13.73 20.10
C TRP B 551 -16.40 15.08 20.04
N GLU B 552 -15.73 16.07 20.58
CA GLU B 552 -16.23 17.40 20.73
C GLU B 552 -16.56 18.06 19.41
N ILE B 553 -15.97 17.57 18.32
CA ILE B 553 -16.19 18.15 17.01
C ILE B 553 -17.61 17.90 16.45
N GLY B 554 -18.35 16.99 17.09
CA GLY B 554 -19.73 16.75 16.76
C GLY B 554 -19.91 15.97 15.49
N PRO B 555 -21.10 16.03 14.94
CA PRO B 555 -22.26 16.75 15.46
C PRO B 555 -22.87 16.19 16.75
N GLN B 556 -22.76 14.91 16.97
CA GLN B 556 -23.26 14.24 18.16
C GLN B 556 -22.48 14.69 19.38
N GLN B 557 -23.18 14.98 20.47
CA GLN B 557 -22.54 15.37 21.70
C GLN B 557 -22.99 14.52 22.91
N THR B 558 -23.95 13.63 22.72
CA THR B 558 -24.36 12.77 23.80
C THR B 558 -24.30 11.36 23.33
N LEU B 559 -24.17 10.48 24.33
CA LEU B 559 -24.15 9.01 24.22
C LEU B 559 -25.27 8.26 25.00
N TYR B 560 -26.08 7.70 24.08
CA TYR B 560 -27.18 6.82 24.32
C TYR B 560 -26.75 5.59 25.07
N VAL B 561 -27.37 5.49 26.19
CA VAL B 561 -27.43 4.50 27.21
C VAL B 561 -28.81 3.90 27.31
N PRO B 562 -28.94 2.76 26.71
CA PRO B 562 -30.15 1.96 26.84
C PRO B 562 -30.33 1.43 28.26
N ALA B 563 -31.56 1.35 28.72
CA ALA B 563 -31.83 0.99 30.09
C ALA B 563 -31.25 -0.35 30.45
N PRO B 564 -31.20 -1.29 29.53
CA PRO B 564 -30.71 -2.61 29.89
C PRO B 564 -29.22 -2.66 30.31
N PHE B 565 -28.47 -1.66 29.94
CA PHE B 565 -27.10 -1.50 30.35
C PHE B 565 -27.00 -1.14 31.83
N LEU B 566 -28.06 -0.54 32.34
CA LEU B 566 -28.10 -0.10 33.70
C LEU B 566 -28.67 -1.13 34.65
N GLN B 567 -28.36 -0.96 35.92
CA GLN B 567 -28.93 -1.73 36.97
C GLN B 567 -29.31 -0.88 38.14
N GLU B 568 -30.23 -1.40 38.94
CA GLU B 568 -30.68 -0.74 40.13
C GLU B 568 -29.49 -0.53 41.01
N GLY B 569 -29.40 0.59 41.65
CA GLY B 569 -28.29 0.72 42.55
C GLY B 569 -27.07 1.37 41.95
N GLU B 570 -25.90 0.89 42.32
CA GLU B 570 -24.68 1.53 41.85
C GLU B 570 -24.32 1.03 40.46
N ASN B 571 -23.99 1.94 39.56
CA ASN B 571 -23.53 1.63 38.24
C ASN B 571 -22.12 2.19 37.96
N GLU B 572 -21.24 1.37 37.40
CA GLU B 572 -19.91 1.81 37.16
C GLU B 572 -19.80 2.51 35.81
N ILE B 573 -19.37 3.75 35.83
CA ILE B 573 -19.13 4.50 34.63
C ILE B 573 -17.63 4.72 34.46
N ILE B 574 -17.08 4.23 33.37
CA ILE B 574 -15.71 4.46 33.05
C ILE B 574 -15.57 5.15 31.72
N LEU B 575 -14.88 6.26 31.72
CA LEU B 575 -14.73 7.07 30.54
C LEU B 575 -13.25 7.11 30.24
N LEU B 576 -12.86 6.88 29.00
CA LEU B 576 -11.49 7.06 28.62
C LEU B 576 -11.39 8.30 27.77
N GLU B 577 -10.68 9.31 28.25
CA GLU B 577 -10.50 10.56 27.59
C GLU B 577 -9.06 10.63 27.12
N LEU B 578 -8.90 10.89 25.84
CA LEU B 578 -7.63 11.00 25.20
C LEU B 578 -6.86 12.22 25.55
N HIS B 579 -7.52 13.36 25.69
CA HIS B 579 -6.79 14.61 25.69
C HIS B 579 -6.97 15.58 26.85
N LYS B 580 -8.20 16.00 27.09
CA LYS B 580 -8.44 17.04 28.03
C LYS B 580 -9.37 16.54 29.11
N HIS B 581 -8.95 16.60 30.35
CA HIS B 581 -9.66 15.93 31.42
C HIS B 581 -10.50 16.86 32.26
N HIS B 582 -11.57 16.33 32.78
CA HIS B 582 -12.52 17.11 33.51
C HIS B 582 -13.02 16.31 34.68
N GLN B 583 -13.98 16.82 35.42
CA GLN B 583 -14.36 16.18 36.66
C GLN B 583 -15.64 15.33 36.69
N SER B 584 -16.55 15.56 35.77
CA SER B 584 -17.84 14.93 35.87
C SER B 584 -18.52 14.80 34.53
N VAL B 585 -19.61 14.07 34.51
CA VAL B 585 -20.41 13.97 33.33
C VAL B 585 -21.85 13.96 33.82
N THR B 586 -22.77 14.34 32.98
CA THR B 586 -24.18 14.42 33.33
C THR B 586 -25.06 13.53 32.47
N PHE B 587 -25.90 12.74 33.11
CA PHE B 587 -26.80 11.88 32.41
C PHE B 587 -28.13 12.63 32.25
N VAL B 588 -28.50 12.95 31.02
CA VAL B 588 -29.65 13.76 30.65
C VAL B 588 -30.77 12.99 29.92
N ASP B 589 -31.94 13.59 29.81
CA ASP B 589 -33.10 12.94 29.22
C ASP B 589 -33.33 13.18 27.74
N THR B 590 -32.48 13.97 27.14
CA THR B 590 -32.65 14.35 25.78
C THR B 590 -31.29 14.30 25.04
N PRO B 591 -31.24 13.75 23.84
CA PRO B 591 -29.98 13.64 23.13
C PRO B 591 -29.57 14.92 22.43
N VAL B 592 -28.32 15.07 22.09
CA VAL B 592 -27.89 16.14 21.19
C VAL B 592 -27.17 15.49 20.03
N LEU B 593 -27.81 15.48 18.88
CA LEU B 593 -27.25 14.86 17.70
C LEU B 593 -26.74 15.88 16.70
N GLY B 594 -27.02 17.13 16.98
CA GLY B 594 -26.59 18.23 16.17
C GLY B 594 -27.49 19.43 16.47
N ALA B 595 -27.61 20.31 15.51
CA ALA B 595 -28.37 21.53 15.64
C ALA B 595 -29.81 21.22 15.76
N ILE B 596 -30.56 22.09 16.38
CA ILE B 596 -31.98 21.97 16.38
C ILE B 596 -32.51 22.19 14.98
N PRO B 597 -33.39 21.33 14.56
CA PRO B 597 -33.97 21.40 13.22
C PRO B 597 -34.81 22.65 12.94
N LYS B 598 -34.55 23.25 11.82
CA LYS B 598 -35.28 24.40 11.35
C LYS B 598 -36.29 23.97 10.26
N THR B 599 -36.08 22.77 9.72
CA THR B 599 -36.60 22.26 8.48
C THR B 599 -37.12 20.81 8.52
N PRO B 600 -38.02 20.55 9.41
CA PRO B 600 -38.52 19.19 9.58
C PRO B 600 -39.50 18.76 8.49
#